data_9W7G
#
_entry.id   9W7G
#
_cell.length_a   80.211
_cell.length_b   57.777
_cell.length_c   101.912
_cell.angle_alpha   90.00
_cell.angle_beta   112.05
_cell.angle_gamma   90.00
#
_symmetry.space_group_name_H-M   'P 1 21 1'
#
loop_
_entity.id
_entity.type
_entity.pdbx_description
1 polymer 'Probable methyltransferase EP424R'
2 non-polymer SINEFUNGIN
3 water water
#
_entity_poly.entity_id   1
_entity_poly.type   'polypeptide(L)'
_entity_poly.pdbx_seq_one_letter_code
;MSNYYYYYGGGRYDWLKTVEPTNFLKIGLPYQAHPLHLQHQATTPPSILEKFKRADILLNEVKAEMDPLMLQPETEKKLF
QILSSIDMFKGLRKKVEFTYNAQIVTNAWLKMYELLNTMNFNNTSQAFCNCELPGGFISAINHFNYTMMHYPTFNWVASS
LYPSSETDALEDHYGLYQCNPDNWLMQSPLLKKNIDYNNGDVTIASNVKNLALRATQRLTPIHLYTADGGINVGHDYNKQ
EELNLKLHFGQALTGLLSLSKGGNMILKHYTLNHAFTLSLICVFSHFFEELYITKPTSSRPTNSETYIVGKNRLRLFTPK
EEQVLLKRLEFFNDTPLVDLSLYQNLLESVYFAVETIHLKQQIEFLNFGMKCYRHFYNKIKLLNDYLAPKKKIFQDRWRV
LNKLYVLEKKHKLKLCASHHHHHHHH
;
_entity_poly.pdbx_strand_id   A,B
#
loop_
_chem_comp.id
_chem_comp.type
_chem_comp.name
_chem_comp.formula
SFG non-polymer SINEFUNGIN 'C15 H23 N7 O5'
#
# COMPACT_ATOMS: atom_id res chain seq x y z
N TYR A 13 -34.02 -7.53 16.23
CA TYR A 13 -35.45 -7.83 16.22
C TYR A 13 -36.12 -7.20 15.00
N ASP A 14 -37.22 -6.49 15.24
CA ASP A 14 -38.12 -6.07 14.16
C ASP A 14 -37.51 -4.95 13.33
N TRP A 15 -36.64 -4.14 13.91
CA TRP A 15 -36.06 -3.03 13.18
C TRP A 15 -35.13 -3.47 12.05
N LEU A 16 -34.76 -4.75 12.00
CA LEU A 16 -33.96 -5.28 10.91
C LEU A 16 -34.81 -5.87 9.79
N LYS A 17 -36.01 -6.37 10.11
CA LYS A 17 -36.86 -7.03 9.13
C LYS A 17 -37.85 -6.09 8.47
N THR A 18 -37.83 -4.81 8.79
CA THR A 18 -38.66 -3.82 8.10
C THR A 18 -37.85 -2.89 7.23
N VAL A 19 -36.53 -3.10 7.11
CA VAL A 19 -35.72 -2.23 6.28
C VAL A 19 -36.12 -2.40 4.82
N GLU A 20 -36.37 -1.29 4.14
CA GLU A 20 -36.84 -1.28 2.77
C GLU A 20 -35.76 -0.75 1.84
N PRO A 21 -35.83 -1.07 0.56
CA PRO A 21 -34.88 -0.46 -0.40
C PRO A 21 -34.98 1.06 -0.35
N THR A 22 -33.83 1.72 -0.46
CA THR A 22 -33.85 3.15 -0.61
C THR A 22 -34.32 3.52 -2.02
N ASN A 23 -34.70 4.78 -2.17
CA ASN A 23 -35.15 5.30 -3.46
C ASN A 23 -34.10 6.23 -4.04
N PHE A 24 -34.05 6.30 -5.37
CA PHE A 24 -33.25 7.30 -6.03
C PHE A 24 -33.73 8.68 -5.63
N LEU A 25 -32.82 9.48 -5.08
CA LEU A 25 -33.16 10.81 -4.61
C LEU A 25 -32.76 11.84 -5.66
N LYS A 26 -33.72 12.69 -6.04
CA LYS A 26 -33.52 13.62 -7.15
C LYS A 26 -34.29 14.90 -6.84
N ILE A 27 -33.57 16.01 -6.76
CA ILE A 27 -34.14 17.29 -6.33
C ILE A 27 -33.88 18.31 -7.43
N GLY A 28 -34.97 18.83 -8.02
CA GLY A 28 -34.84 19.81 -9.09
C GLY A 28 -34.53 21.20 -8.54
N LEU A 29 -33.63 21.89 -9.23
CA LEU A 29 -33.24 23.25 -8.90
C LEU A 29 -33.73 24.22 -9.98
N PRO A 30 -34.06 25.45 -9.60
CA PRO A 30 -34.52 26.41 -10.60
C PRO A 30 -33.37 27.03 -11.38
N TYR A 31 -33.56 27.15 -12.69
CA TYR A 31 -32.62 27.89 -13.51
C TYR A 31 -32.85 29.38 -13.34
N GLN A 32 -31.77 30.17 -13.37
CA GLN A 32 -31.88 31.60 -13.09
C GLN A 32 -31.90 32.39 -14.39
N ALA A 33 -33.01 33.07 -14.62
CA ALA A 33 -33.19 33.82 -15.85
C ALA A 33 -32.38 35.12 -15.82
N HIS A 34 -32.09 35.64 -14.63
CA HIS A 34 -31.33 36.86 -14.52
C HIS A 34 -29.92 36.68 -15.08
N PRO A 35 -29.26 37.76 -15.47
CA PRO A 35 -27.89 37.65 -15.96
C PRO A 35 -26.93 37.28 -14.83
N LEU A 36 -26.00 36.38 -15.13
CA LEU A 36 -24.99 35.99 -14.16
C LEU A 36 -24.05 37.17 -13.89
N HIS A 37 -23.73 37.36 -12.61
CA HIS A 37 -22.76 38.37 -12.19
C HIS A 37 -21.71 37.71 -11.30
N LEU A 38 -20.55 37.41 -11.87
CA LEU A 38 -19.45 36.89 -11.06
C LEU A 38 -18.95 37.97 -10.12
N GLN A 39 -18.86 37.64 -8.83
CA GLN A 39 -18.61 38.65 -7.81
C GLN A 39 -17.14 39.05 -7.77
N HIS A 40 -16.90 40.30 -7.36
CA HIS A 40 -15.56 40.84 -7.19
C HIS A 40 -15.37 41.35 -5.76
N ALA A 42 -16.71 40.42 -2.37
CA ALA A 42 -17.24 39.86 -1.13
C ALA A 42 -18.50 40.61 -0.70
N THR A 43 -19.45 39.87 -0.12
CA THR A 43 -20.76 40.43 0.21
C THR A 43 -21.28 39.77 1.48
N THR A 44 -22.38 40.33 1.99
CA THR A 44 -22.99 39.82 3.21
C THR A 44 -23.88 38.62 2.89
N PRO A 45 -23.79 37.52 3.64
CA PRO A 45 -24.55 36.33 3.29
C PRO A 45 -26.01 36.51 3.55
N PRO A 46 -26.90 35.84 2.80
CA PRO A 46 -28.31 35.82 3.15
C PRO A 46 -28.52 34.97 4.39
N SER A 47 -29.66 35.20 5.05
CA SER A 47 -29.92 34.50 6.31
C SER A 47 -30.00 32.99 6.12
N ILE A 48 -30.42 32.52 4.94
CA ILE A 48 -30.54 31.08 4.73
C ILE A 48 -29.22 30.34 4.88
N LEU A 49 -28.09 31.06 4.91
CA LEU A 49 -26.80 30.41 5.12
C LEU A 49 -26.62 29.92 6.55
N GLU A 50 -27.26 30.57 7.53
CA GLU A 50 -27.23 30.05 8.89
C GLU A 50 -27.97 28.72 8.98
N LYS A 51 -29.01 28.54 8.17
CA LYS A 51 -29.68 27.24 8.10
C LYS A 51 -28.75 26.17 7.55
N PHE A 52 -27.95 26.52 6.54
CA PHE A 52 -26.99 25.58 6.00
C PHE A 52 -25.88 25.28 7.00
N LYS A 53 -25.45 26.29 7.76
CA LYS A 53 -24.42 26.08 8.77
C LYS A 53 -24.93 25.17 9.89
N ARG A 54 -26.20 25.34 10.28
CA ARG A 54 -26.78 24.46 11.28
C ARG A 54 -26.82 23.02 10.80
N ALA A 55 -27.07 22.82 9.50
CA ALA A 55 -27.08 21.47 8.95
C ALA A 55 -25.69 20.84 8.95
N ASP A 56 -24.65 21.66 8.74
CA ASP A 56 -23.29 21.12 8.76
C ASP A 56 -22.89 20.70 10.17
N ILE A 57 -23.29 21.49 11.18
CA ILE A 57 -22.99 21.14 12.57
C ILE A 57 -23.70 19.85 12.95
N LEU A 58 -24.98 19.74 12.60
CA LEU A 58 -25.76 18.57 12.95
C LEU A 58 -25.20 17.30 12.30
N LEU A 59 -24.92 17.36 11.00
CA LEU A 59 -24.41 16.19 10.30
C LEU A 59 -23.07 15.74 10.86
N ASN A 60 -22.22 16.70 11.25
CA ASN A 60 -20.95 16.34 11.86
C ASN A 60 -21.14 15.81 13.27
N GLU A 61 -22.22 16.21 13.96
CA GLU A 61 -22.54 15.62 15.25
C GLU A 61 -22.81 14.13 15.11
N VAL A 62 -23.67 13.76 14.15
CA VAL A 62 -24.01 12.36 13.94
C VAL A 62 -22.80 11.59 13.41
N LYS A 63 -22.02 12.21 12.51
CA LYS A 63 -20.79 11.59 12.04
C LYS A 63 -19.82 11.38 13.19
N ALA A 64 -19.85 12.27 14.18
CA ALA A 64 -18.95 12.17 15.32
C ALA A 64 -19.30 11.01 16.24
N GLU A 65 -20.54 10.49 16.17
CA GLU A 65 -20.94 9.39 17.04
C GLU A 65 -20.04 8.17 16.90
N MET A 66 -19.21 8.10 15.87
CA MET A 66 -18.33 6.96 15.64
C MET A 66 -16.92 7.17 16.17
N ASP A 67 -16.56 8.37 16.62
CA ASP A 67 -15.20 8.62 17.10
C ASP A 67 -14.76 7.69 18.23
N PRO A 68 -15.58 7.34 19.22
CA PRO A 68 -15.06 6.47 20.30
C PRO A 68 -14.51 5.15 19.80
N LEU A 69 -15.18 4.55 18.80
CA LEU A 69 -14.76 3.23 18.33
C LEU A 69 -13.46 3.27 17.52
N MET A 70 -13.09 4.44 16.99
CA MET A 70 -11.91 4.54 16.15
C MET A 70 -10.61 4.60 16.93
N LEU A 71 -10.68 4.76 18.27
CA LEU A 71 -9.48 4.97 19.06
C LEU A 71 -8.72 3.66 19.32
N GLN A 72 -9.42 2.54 19.45
CA GLN A 72 -8.75 1.27 19.65
C GLN A 72 -8.88 0.41 18.41
N PRO A 73 -7.77 -0.15 17.92
CA PRO A 73 -7.82 -0.89 16.65
C PRO A 73 -8.76 -2.08 16.65
N GLU A 74 -9.16 -2.58 17.82
CA GLU A 74 -10.10 -3.71 17.86
C GLU A 74 -11.51 -3.25 17.52
N THR A 75 -12.00 -2.21 18.20
CA THR A 75 -13.36 -1.73 17.94
C THR A 75 -13.45 -1.04 16.57
N GLU A 76 -12.37 -0.44 16.11
CA GLU A 76 -12.37 0.14 14.77
C GLU A 76 -12.54 -0.92 13.70
N LYS A 77 -11.96 -2.10 13.93
CA LYS A 77 -12.15 -3.22 13.01
C LYS A 77 -13.61 -3.67 13.00
N LYS A 78 -14.15 -3.98 14.17
CA LYS A 78 -15.54 -4.45 14.27
C LYS A 78 -16.52 -3.43 13.68
N LEU A 79 -16.19 -2.14 13.77
CA LEU A 79 -17.07 -1.13 13.16
C LEU A 79 -17.13 -1.30 11.65
N PHE A 80 -15.96 -1.40 11.01
CA PHE A 80 -15.93 -1.47 9.55
C PHE A 80 -16.51 -2.79 9.05
N GLN A 81 -16.57 -3.82 9.88
CA GLN A 81 -17.32 -5.02 9.50
C GLN A 81 -18.82 -4.76 9.57
N ILE A 82 -19.27 -4.11 10.65
CA ILE A 82 -20.69 -3.76 10.78
C ILE A 82 -21.14 -2.93 9.58
N LEU A 83 -20.34 -1.92 9.21
CA LEU A 83 -20.65 -1.11 8.04
C LEU A 83 -20.64 -1.95 6.77
N SER A 84 -19.65 -2.83 6.63
CA SER A 84 -19.63 -3.78 5.54
C SER A 84 -20.91 -4.61 5.52
N SER A 85 -21.34 -5.07 6.70
CA SER A 85 -22.52 -5.93 6.78
C SER A 85 -23.78 -5.19 6.35
N ILE A 86 -23.86 -3.89 6.64
CA ILE A 86 -25.07 -3.12 6.31
C ILE A 86 -24.99 -2.50 4.92
N ASP A 87 -23.92 -2.74 4.18
CA ASP A 87 -23.86 -2.35 2.76
C ASP A 87 -24.77 -3.30 1.98
N MET A 88 -25.96 -2.84 1.64
CA MET A 88 -26.97 -3.70 1.06
C MET A 88 -26.69 -4.09 -0.38
N PHE A 89 -25.66 -3.51 -1.01
CA PHE A 89 -25.36 -3.74 -2.42
C PHE A 89 -24.06 -4.52 -2.60
N LYS A 90 -23.58 -5.19 -1.54
CA LYS A 90 -22.22 -5.70 -1.50
C LYS A 90 -21.88 -6.56 -2.71
N GLY A 91 -22.67 -7.60 -2.96
CA GLY A 91 -22.34 -8.54 -4.01
C GLY A 91 -22.75 -8.16 -5.42
N LEU A 92 -23.29 -6.96 -5.63
CA LEU A 92 -23.93 -6.65 -6.90
C LEU A 92 -22.90 -6.45 -8.02
N ARG A 93 -21.79 -5.77 -7.70
CA ARG A 93 -20.79 -5.48 -8.72
C ARG A 93 -20.34 -6.74 -9.46
N LYS A 94 -20.03 -7.80 -8.71
CA LYS A 94 -19.56 -9.03 -9.35
C LYS A 94 -20.68 -9.71 -10.12
N LYS A 95 -21.91 -9.62 -9.62
CA LYS A 95 -23.05 -10.16 -10.36
C LYS A 95 -23.21 -9.43 -11.69
N VAL A 96 -23.11 -8.10 -11.68
CA VAL A 96 -23.24 -7.34 -12.91
C VAL A 96 -22.10 -7.67 -13.86
N GLU A 97 -20.89 -7.86 -13.32
CA GLU A 97 -19.74 -8.09 -14.19
C GLU A 97 -19.86 -9.40 -14.94
N PHE A 98 -20.13 -10.51 -14.24
CA PHE A 98 -20.18 -11.80 -14.91
C PHE A 98 -21.38 -11.89 -15.84
N THR A 99 -22.57 -11.55 -15.34
CA THR A 99 -23.80 -11.81 -16.07
C THR A 99 -23.82 -11.09 -17.41
N TYR A 100 -23.34 -9.84 -17.45
CA TYR A 100 -23.53 -8.98 -18.62
C TYR A 100 -22.22 -8.58 -19.28
N ASN A 101 -21.10 -9.23 -18.95
CA ASN A 101 -19.80 -8.95 -19.56
C ASN A 101 -19.36 -7.51 -19.35
N ALA A 102 -19.73 -6.93 -18.21
CA ALA A 102 -19.37 -5.55 -17.93
C ALA A 102 -17.90 -5.45 -17.53
N GLN A 103 -17.33 -4.27 -17.74
CA GLN A 103 -15.92 -4.01 -17.46
C GLN A 103 -15.77 -2.95 -16.39
N ILE A 104 -14.69 -3.05 -15.62
CA ILE A 104 -14.36 -2.10 -14.56
C ILE A 104 -15.59 -1.81 -13.73
N VAL A 105 -16.26 -2.87 -13.26
CA VAL A 105 -17.47 -2.71 -12.48
C VAL A 105 -17.11 -2.33 -11.04
N THR A 106 -16.64 -1.10 -10.86
CA THR A 106 -16.52 -0.55 -9.52
C THR A 106 -17.89 -0.05 -9.08
N ASN A 107 -17.95 0.49 -7.87
CA ASN A 107 -19.21 1.11 -7.44
C ASN A 107 -19.57 2.29 -8.33
N ALA A 108 -18.56 2.99 -8.86
CA ALA A 108 -18.83 4.12 -9.75
C ALA A 108 -19.55 3.66 -11.00
N TRP A 109 -19.19 2.50 -11.54
CA TRP A 109 -19.94 1.89 -12.63
C TRP A 109 -21.43 1.84 -12.29
N LEU A 110 -21.76 1.25 -11.15
CA LEU A 110 -23.16 1.16 -10.71
C LEU A 110 -23.81 2.53 -10.63
N LYS A 111 -23.10 3.50 -10.04
CA LYS A 111 -23.65 4.85 -9.88
C LYS A 111 -23.88 5.50 -11.24
N MET A 112 -22.89 5.42 -12.13
CA MET A 112 -23.04 5.98 -13.46
C MET A 112 -24.18 5.31 -14.22
N TYR A 113 -24.29 3.98 -14.12
CA TYR A 113 -25.34 3.28 -14.83
C TYR A 113 -26.71 3.68 -14.30
N GLU A 114 -26.86 3.79 -12.98
CA GLU A 114 -28.11 4.22 -12.40
C GLU A 114 -28.47 5.63 -12.85
N LEU A 115 -27.46 6.51 -12.94
CA LEU A 115 -27.70 7.88 -13.37
C LEU A 115 -28.19 7.93 -14.81
N LEU A 116 -27.55 7.15 -15.69
CA LEU A 116 -27.94 7.15 -17.09
C LEU A 116 -29.37 6.63 -17.27
N ASN A 117 -29.77 5.64 -16.47
CA ASN A 117 -31.09 5.06 -16.59
C ASN A 117 -32.17 5.91 -15.97
N THR A 118 -31.82 6.89 -15.15
CA THR A 118 -32.78 7.69 -14.42
C THR A 118 -32.92 9.11 -14.96
N MET A 119 -31.83 9.73 -15.38
CA MET A 119 -31.85 11.15 -15.68
C MET A 119 -32.32 11.47 -17.10
N ASN A 120 -32.40 10.47 -17.98
CA ASN A 120 -33.01 10.65 -19.30
C ASN A 120 -32.30 11.74 -20.10
N PHE A 121 -30.99 11.58 -20.26
CA PHE A 121 -30.20 12.55 -21.00
C PHE A 121 -30.59 12.55 -22.48
N ASN A 122 -30.41 13.71 -23.12
CA ASN A 122 -30.65 13.79 -24.55
C ASN A 122 -29.54 13.13 -25.36
N ASN A 123 -28.34 13.00 -24.80
CA ASN A 123 -27.21 12.45 -25.52
C ASN A 123 -26.11 12.06 -24.55
N THR A 124 -25.64 10.82 -24.66
CA THR A 124 -24.53 10.31 -23.85
C THR A 124 -23.42 9.76 -24.73
N SER A 125 -23.23 10.34 -25.91
CA SER A 125 -22.43 9.71 -26.95
C SER A 125 -21.02 10.28 -27.09
N GLN A 126 -20.79 11.54 -26.76
CA GLN A 126 -19.50 12.20 -26.97
C GLN A 126 -18.99 12.66 -25.61
N ALA A 127 -18.36 11.75 -24.88
CA ALA A 127 -18.16 11.89 -23.45
C ALA A 127 -16.74 12.32 -23.11
N PHE A 128 -16.64 13.21 -22.13
CA PHE A 128 -15.38 13.63 -21.52
C PHE A 128 -15.49 13.34 -20.03
N CYS A 129 -14.79 12.31 -19.57
CA CYS A 129 -14.81 11.89 -18.17
C CYS A 129 -13.54 12.38 -17.50
N ASN A 130 -13.69 13.24 -16.50
CA ASN A 130 -12.56 13.79 -15.77
C ASN A 130 -12.49 13.18 -14.37
N CYS A 131 -11.29 13.21 -13.79
CA CYS A 131 -11.00 12.62 -12.49
C CYS A 131 -11.56 11.19 -12.42
N GLU A 132 -10.97 10.34 -13.26
CA GLU A 132 -11.57 9.05 -13.56
C GLU A 132 -10.60 7.90 -13.28
N LEU A 133 -9.63 7.70 -14.16
CA LEU A 133 -8.58 6.69 -14.12
C LEU A 133 -9.15 5.27 -14.31
N PRO A 134 -9.68 4.54 -13.31
CA PRO A 134 -10.47 3.36 -13.68
C PRO A 134 -11.73 3.80 -14.42
N GLY A 135 -12.07 3.07 -15.46
CA GLY A 135 -13.13 3.52 -16.33
C GLY A 135 -14.52 3.26 -15.81
N GLY A 136 -14.70 3.21 -14.49
CA GLY A 136 -16.00 3.00 -13.90
C GLY A 136 -17.09 3.83 -14.55
N PHE A 137 -16.86 5.14 -14.66
CA PHE A 137 -17.82 5.99 -15.38
C PHE A 137 -17.75 5.74 -16.87
N ILE A 138 -16.53 5.68 -17.44
CA ILE A 138 -16.38 5.46 -18.88
C ILE A 138 -16.99 4.13 -19.29
N SER A 139 -16.59 3.05 -18.62
CA SER A 139 -17.12 1.73 -18.96
C SER A 139 -18.63 1.69 -18.85
N ALA A 140 -19.19 2.33 -17.82
CA ALA A 140 -20.65 2.34 -17.67
C ALA A 140 -21.31 3.05 -18.85
N ILE A 141 -20.76 4.19 -19.28
CA ILE A 141 -21.32 4.88 -20.44
C ILE A 141 -21.15 4.04 -21.69
N ASN A 142 -19.97 3.43 -21.87
CA ASN A 142 -19.74 2.54 -23.00
C ASN A 142 -20.76 1.40 -23.00
N HIS A 143 -20.99 0.81 -21.83
CA HIS A 143 -21.97 -0.27 -21.71
C HIS A 143 -23.38 0.23 -22.00
N PHE A 144 -23.76 1.35 -21.39
CA PHE A 144 -25.09 1.93 -21.62
C PHE A 144 -25.29 2.28 -23.09
N ASN A 145 -24.27 2.85 -23.74
CA ASN A 145 -24.45 3.33 -25.09
C ASN A 145 -24.65 2.18 -26.08
N TYR A 146 -23.85 1.13 -25.95
CA TYR A 146 -23.90 0.06 -26.94
C TYR A 146 -25.07 -0.89 -26.72
N THR A 147 -25.49 -1.07 -25.47
CA THR A 147 -26.59 -1.99 -25.19
C THR A 147 -27.96 -1.32 -25.18
N MET A 148 -28.03 -0.03 -24.86
CA MET A 148 -29.30 0.67 -24.69
C MET A 148 -29.56 1.71 -25.76
N MET A 149 -28.58 2.57 -26.04
CA MET A 149 -28.80 3.67 -26.98
C MET A 149 -28.48 3.29 -28.41
N HIS A 150 -27.55 2.37 -28.61
CA HIS A 150 -27.15 1.92 -29.95
C HIS A 150 -26.68 3.10 -30.80
N TYR A 151 -25.73 3.84 -30.25
CA TYR A 151 -24.96 4.76 -31.05
C TYR A 151 -24.05 3.96 -31.96
N PRO A 152 -23.92 4.31 -33.24
CA PRO A 152 -23.03 3.55 -34.13
C PRO A 152 -21.62 3.39 -33.57
N THR A 153 -21.08 4.47 -33.00
CA THR A 153 -19.76 4.47 -32.39
C THR A 153 -19.79 5.41 -31.20
N PHE A 154 -19.05 5.05 -30.14
CA PHE A 154 -18.96 5.83 -28.92
C PHE A 154 -17.53 6.36 -28.81
N ASN A 155 -17.38 7.68 -28.97
CA ASN A 155 -16.09 8.34 -28.88
C ASN A 155 -16.00 9.09 -27.56
N TRP A 156 -14.87 8.93 -26.87
CA TRP A 156 -14.72 9.47 -25.52
C TRP A 156 -13.29 9.93 -25.32
N VAL A 157 -13.13 10.96 -24.49
CA VAL A 157 -11.84 11.38 -23.98
C VAL A 157 -11.91 11.35 -22.46
N ALA A 158 -10.74 11.33 -21.82
CA ALA A 158 -10.70 11.19 -20.37
C ALA A 158 -9.43 11.83 -19.83
N SER A 159 -9.43 12.03 -18.51
CA SER A 159 -8.26 12.53 -17.81
C SER A 159 -8.39 12.18 -16.34
N SER A 160 -7.26 12.26 -15.63
CA SER A 160 -7.16 11.98 -14.21
C SER A 160 -5.74 12.31 -13.78
N LEU A 161 -5.59 12.71 -12.52
CA LEU A 161 -4.27 12.86 -11.92
C LEU A 161 -3.46 11.60 -12.17
N TYR A 162 -2.34 11.75 -12.87
CA TYR A 162 -1.58 10.61 -13.36
C TYR A 162 -1.29 9.63 -12.21
N PRO A 163 -1.75 8.36 -12.32
CA PRO A 163 -1.85 7.29 -11.32
C PRO A 163 -1.24 7.59 -9.96
N GLU A 171 -5.18 5.20 -9.62
CA GLU A 171 -4.27 4.51 -10.53
C GLU A 171 -5.04 3.75 -11.60
N ASP A 172 -4.30 3.26 -12.59
CA ASP A 172 -4.89 2.61 -13.77
C ASP A 172 -4.96 1.09 -13.54
N HIS A 173 -5.82 0.72 -12.59
CA HIS A 173 -5.86 -0.65 -12.11
C HIS A 173 -6.32 -1.65 -13.18
N TYR A 174 -6.96 -1.18 -14.25
CA TYR A 174 -7.45 -2.07 -15.29
C TYR A 174 -6.76 -1.85 -16.63
N GLY A 175 -5.72 -1.02 -16.68
CA GLY A 175 -5.04 -0.78 -17.92
C GLY A 175 -5.86 -0.03 -18.95
N LEU A 176 -6.79 0.81 -18.51
CA LEU A 176 -7.57 1.60 -19.45
C LEU A 176 -6.77 2.79 -19.98
N TYR A 177 -5.92 3.39 -19.14
CA TYR A 177 -5.07 4.47 -19.62
C TYR A 177 -3.98 3.94 -20.53
N GLN A 178 -3.34 2.83 -20.13
CA GLN A 178 -2.20 2.31 -20.86
C GLN A 178 -2.60 1.80 -22.24
N CYS A 179 -3.80 1.25 -22.38
CA CYS A 179 -4.22 0.63 -23.62
C CYS A 179 -4.92 1.58 -24.62
N ASN A 180 -5.09 2.87 -24.27
CA ASN A 180 -5.83 3.85 -25.09
C ASN A 180 -5.23 5.23 -24.99
N PRO A 181 -3.92 5.44 -25.28
CA PRO A 181 -3.31 6.74 -25.08
C PRO A 181 -4.10 7.78 -25.84
N ASP A 182 -4.57 7.42 -27.05
CA ASP A 182 -5.28 8.40 -27.85
C ASP A 182 -6.37 9.12 -27.07
N ASN A 183 -6.95 8.48 -26.05
CA ASN A 183 -8.14 9.03 -25.40
C ASN A 183 -7.86 9.81 -24.13
N TRP A 184 -6.67 9.65 -23.54
CA TRP A 184 -6.35 10.25 -22.26
C TRP A 184 -5.54 11.52 -22.46
N LEU A 185 -5.87 12.55 -21.68
CA LEU A 185 -5.39 13.90 -21.92
C LEU A 185 -4.30 14.35 -20.95
N MET A 186 -3.98 13.55 -19.93
CA MET A 186 -2.91 13.89 -19.00
C MET A 186 -1.61 13.22 -19.43
N GLN A 187 -0.52 13.63 -18.79
CA GLN A 187 0.82 13.26 -19.22
C GLN A 187 1.62 12.66 -18.07
N SER A 188 2.42 11.66 -18.40
CA SER A 188 3.32 11.04 -17.43
C SER A 188 4.50 11.97 -17.14
N PRO A 189 5.14 11.81 -15.98
CA PRO A 189 6.26 12.70 -15.63
C PRO A 189 7.43 12.64 -16.59
N LEU A 190 7.49 11.63 -17.46
CA LEU A 190 8.49 11.61 -18.53
C LEU A 190 8.40 12.86 -19.40
N LEU A 191 7.23 13.50 -19.43
CA LEU A 191 7.01 14.67 -20.26
C LEU A 191 6.91 15.95 -19.42
N LYS A 192 7.64 15.97 -18.29
CA LYS A 192 7.58 17.07 -17.34
C LYS A 192 7.98 18.41 -17.97
N LYS A 193 8.79 18.38 -19.02
CA LYS A 193 9.15 19.55 -19.83
C LYS A 193 9.30 20.84 -19.02
N TYR A 197 2.81 20.28 -20.43
CA TYR A 197 2.81 19.22 -19.43
C TYR A 197 1.60 19.39 -18.55
N ASN A 198 0.63 18.51 -18.75
CA ASN A 198 -0.61 18.49 -18.00
C ASN A 198 -0.66 17.17 -17.27
N ASN A 199 -0.41 17.19 -15.97
CA ASN A 199 -0.47 15.98 -15.17
C ASN A 199 -1.90 15.65 -14.75
N GLY A 200 -2.89 16.37 -15.25
CA GLY A 200 -4.28 16.09 -14.96
C GLY A 200 -4.80 16.67 -13.67
N ASP A 201 -3.99 17.46 -12.95
CA ASP A 201 -4.40 18.06 -11.69
C ASP A 201 -5.33 19.23 -11.99
N VAL A 202 -6.60 19.09 -11.61
CA VAL A 202 -7.60 20.11 -11.95
C VAL A 202 -7.65 21.24 -10.94
N THR A 203 -6.82 21.21 -9.90
CA THR A 203 -6.70 22.35 -9.01
C THR A 203 -5.77 23.43 -9.57
N ILE A 204 -5.19 23.20 -10.75
CA ILE A 204 -4.27 24.13 -11.38
C ILE A 204 -4.98 24.73 -12.58
N ALA A 205 -5.14 26.06 -12.57
CA ALA A 205 -5.95 26.72 -13.59
C ALA A 205 -5.38 26.51 -14.98
N SER A 206 -4.04 26.59 -15.11
CA SER A 206 -3.41 26.31 -16.39
C SER A 206 -3.79 24.94 -16.91
N ASN A 207 -3.79 23.93 -16.03
CA ASN A 207 -4.16 22.59 -16.45
C ASN A 207 -5.62 22.52 -16.87
N VAL A 208 -6.50 23.20 -16.12
CA VAL A 208 -7.93 23.13 -16.42
C VAL A 208 -8.22 23.68 -17.82
N LYS A 209 -7.63 24.84 -18.14
CA LYS A 209 -7.84 25.41 -19.47
C LYS A 209 -7.25 24.51 -20.55
N ASN A 210 -6.09 23.91 -20.27
CA ASN A 210 -5.47 23.01 -21.24
C ASN A 210 -6.30 21.75 -21.44
N LEU A 211 -6.82 21.18 -20.35
CA LEU A 211 -7.64 19.96 -20.45
C LEU A 211 -8.84 20.20 -21.34
N ALA A 212 -9.55 21.31 -21.13
CA ALA A 212 -10.70 21.63 -21.96
C ALA A 212 -10.30 21.81 -23.41
N LEU A 213 -9.17 22.50 -23.65
CA LEU A 213 -8.72 22.75 -25.01
C LEU A 213 -8.44 21.46 -25.75
N ARG A 214 -7.63 20.57 -25.15
CA ARG A 214 -7.38 19.27 -25.76
C ARG A 214 -8.67 18.47 -25.92
N ALA A 215 -9.54 18.51 -24.91
CA ALA A 215 -10.80 17.79 -24.99
C ALA A 215 -11.63 18.27 -26.18
N THR A 216 -11.72 19.58 -26.36
CA THR A 216 -12.49 20.13 -27.48
C THR A 216 -11.81 19.85 -28.82
N GLN A 217 -10.51 19.63 -28.83
CA GLN A 217 -9.82 19.18 -30.04
C GLN A 217 -9.98 17.67 -30.20
N LEU A 219 -12.33 15.33 -29.68
CA LEU A 219 -13.78 15.25 -29.54
C LEU A 219 -14.43 16.57 -29.97
N THR A 220 -15.08 16.54 -31.13
CA THR A 220 -15.56 17.79 -31.72
C THR A 220 -16.81 18.29 -30.99
N PRO A 221 -17.96 17.60 -31.01
CA PRO A 221 -18.98 17.96 -30.01
C PRO A 221 -18.79 17.12 -28.77
N ILE A 222 -18.97 17.74 -27.62
CA ILE A 222 -18.91 17.04 -26.34
C ILE A 222 -20.31 17.12 -25.74
N HIS A 223 -20.98 15.97 -25.64
CA HIS A 223 -22.35 15.91 -25.17
C HIS A 223 -22.46 15.56 -23.70
N LEU A 224 -21.49 14.85 -23.13
CA LEU A 224 -21.56 14.40 -21.75
C LEU A 224 -20.23 14.65 -21.06
N TYR A 225 -20.26 15.46 -20.00
CA TYR A 225 -19.09 15.68 -19.16
C TYR A 225 -19.36 15.10 -17.77
N THR A 226 -18.39 14.36 -17.25
CA THR A 226 -18.51 13.75 -15.94
C THR A 226 -17.21 13.92 -15.18
N ALA A 227 -17.32 14.12 -13.87
CA ALA A 227 -16.17 14.31 -13.01
C ALA A 227 -16.46 13.67 -11.66
N ASP A 228 -15.64 12.69 -11.28
CA ASP A 228 -15.79 11.94 -10.04
C ASP A 228 -14.68 12.27 -9.06
N GLY A 229 -14.26 13.53 -9.01
CA GLY A 229 -13.11 13.89 -8.20
C GLY A 229 -13.46 13.92 -6.72
N GLY A 230 -12.51 13.46 -5.92
CA GLY A 230 -12.70 13.47 -4.47
C GLY A 230 -11.44 13.13 -3.71
N ILE A 231 -11.22 13.81 -2.60
CA ILE A 231 -10.11 13.48 -1.71
C ILE A 231 -10.66 12.70 -0.52
N TYR A 237 -13.17 14.40 8.31
CA TYR A 237 -14.53 14.32 7.80
C TYR A 237 -15.30 15.61 8.06
N ASN A 238 -14.95 16.29 9.16
CA ASN A 238 -15.60 17.56 9.48
C ASN A 238 -15.42 18.58 8.36
N LYS A 239 -14.31 18.49 7.63
CA LYS A 239 -13.97 19.47 6.60
C LYS A 239 -13.81 18.81 5.23
N GLN A 240 -14.54 17.72 4.97
CA GLN A 240 -14.40 17.02 3.69
C GLN A 240 -14.80 17.90 2.52
N GLU A 241 -15.90 18.65 2.67
CA GLU A 241 -16.32 19.54 1.59
C GLU A 241 -15.34 20.71 1.44
N GLU A 242 -14.91 21.28 2.56
CA GLU A 242 -13.97 22.39 2.52
C GLU A 242 -12.61 21.96 1.96
N LEU A 243 -12.22 20.72 2.20
CA LEU A 243 -10.94 20.23 1.68
C LEU A 243 -11.01 19.86 0.20
N ASN A 244 -12.22 19.68 -0.35
CA ASN A 244 -12.39 19.32 -1.75
C ASN A 244 -12.90 20.48 -2.60
N LEU A 245 -13.00 21.68 -2.01
CA LEU A 245 -13.57 22.82 -2.73
C LEU A 245 -12.81 23.13 -4.00
N LYS A 246 -11.47 23.24 -3.90
CA LYS A 246 -10.66 23.57 -5.06
C LYS A 246 -10.70 22.46 -6.09
N LEU A 247 -10.73 21.21 -5.64
CA LEU A 247 -10.84 20.08 -6.56
C LEU A 247 -12.16 20.11 -7.31
N HIS A 248 -13.26 20.34 -6.58
CA HIS A 248 -14.57 20.35 -7.21
C HIS A 248 -14.79 21.60 -8.05
N PHE A 249 -14.12 22.70 -7.69
CA PHE A 249 -14.17 23.89 -8.53
C PHE A 249 -13.49 23.64 -9.87
N GLY A 250 -12.29 23.04 -9.85
CA GLY A 250 -11.59 22.77 -11.09
C GLY A 250 -12.30 21.74 -11.96
N GLN A 251 -12.83 20.69 -11.33
CA GLN A 251 -13.53 19.66 -12.09
C GLN A 251 -14.80 20.21 -12.75
N ALA A 252 -15.41 21.24 -12.15
CA ALA A 252 -16.58 21.87 -12.75
C ALA A 252 -16.17 22.84 -13.84
N LEU A 253 -15.12 23.62 -13.59
CA LEU A 253 -14.62 24.56 -14.59
C LEU A 253 -14.17 23.84 -15.85
N THR A 254 -13.51 22.70 -15.70
CA THR A 254 -13.08 21.94 -16.88
C THR A 254 -14.27 21.54 -17.74
N GLY A 255 -15.36 21.10 -17.10
CA GLY A 255 -16.54 20.74 -17.87
C GLY A 255 -17.20 21.94 -18.50
N LEU A 256 -17.37 23.02 -17.74
CA LEU A 256 -18.07 24.18 -18.25
C LEU A 256 -17.30 24.85 -19.39
N LEU A 257 -15.98 24.67 -19.43
CA LEU A 257 -15.18 25.18 -20.54
C LEU A 257 -15.20 24.28 -21.76
N SER A 258 -15.68 23.05 -21.64
CA SER A 258 -15.62 22.09 -22.73
C SER A 258 -16.98 21.52 -23.13
N LEU A 259 -17.99 21.59 -22.28
CA LEU A 259 -19.29 21.02 -22.61
C LEU A 259 -19.98 21.86 -23.67
N SER A 260 -20.36 21.22 -24.77
CA SER A 260 -21.05 21.91 -25.84
C SER A 260 -22.48 22.26 -25.44
N LYS A 261 -23.08 23.19 -26.18
CA LYS A 261 -24.47 23.55 -25.95
C LYS A 261 -25.36 22.32 -26.09
N GLY A 262 -26.41 22.26 -25.27
CA GLY A 262 -27.23 21.07 -25.22
C GLY A 262 -26.58 19.88 -24.54
N GLY A 263 -25.33 20.01 -24.08
CA GLY A 263 -24.64 18.91 -23.44
C GLY A 263 -25.05 18.75 -21.98
N ASN A 264 -24.53 17.67 -21.38
CA ASN A 264 -24.92 17.26 -20.04
C ASN A 264 -23.69 17.13 -19.15
N MET A 265 -23.87 17.43 -17.87
CA MET A 265 -22.79 17.52 -16.89
C MET A 265 -23.14 16.68 -15.68
N ILE A 266 -22.14 15.97 -15.14
CA ILE A 266 -22.28 15.18 -13.93
C ILE A 266 -21.05 15.41 -13.06
N LEU A 267 -21.27 15.88 -11.83
CA LEU A 267 -20.17 16.24 -10.95
C LEU A 267 -20.38 15.61 -9.58
N LYS A 268 -19.34 14.97 -9.06
CA LYS A 268 -19.38 14.40 -7.72
C LYS A 268 -19.10 15.50 -6.70
N HIS A 269 -19.93 15.55 -5.66
CA HIS A 269 -19.80 16.52 -4.60
C HIS A 269 -20.07 15.81 -3.28
N TYR A 270 -20.22 16.59 -2.21
CA TYR A 270 -20.44 16.01 -0.89
C TYR A 270 -21.61 16.70 -0.19
N THR A 271 -21.33 17.48 0.86
CA THR A 271 -22.41 18.00 1.68
C THR A 271 -23.09 19.22 1.07
N LEU A 272 -22.37 20.01 0.26
CA LEU A 272 -22.92 21.21 -0.37
C LEU A 272 -23.44 22.22 0.65
N ASN A 273 -22.77 22.34 1.80
CA ASN A 273 -23.19 23.30 2.81
C ASN A 273 -22.37 24.58 2.80
N HIS A 274 -21.21 24.59 2.16
CA HIS A 274 -20.36 25.77 2.12
C HIS A 274 -20.94 26.81 1.16
N ALA A 275 -20.70 28.08 1.48
CA ALA A 275 -21.23 29.17 0.66
C ALA A 275 -20.59 29.19 -0.72
N PHE A 276 -19.30 28.86 -0.81
CA PHE A 276 -18.66 28.75 -2.11
C PHE A 276 -19.34 27.69 -2.96
N THR A 277 -19.64 26.53 -2.36
CA THR A 277 -20.32 25.46 -3.09
C THR A 277 -21.67 25.91 -3.62
N LEU A 278 -22.45 26.61 -2.79
CA LEU A 278 -23.75 27.09 -3.23
C LEU A 278 -23.62 28.12 -4.34
N SER A 279 -22.60 28.98 -4.26
CA SER A 279 -22.36 29.94 -5.34
C SER A 279 -21.97 29.23 -6.62
N LEU A 280 -21.27 28.10 -6.53
CA LEU A 280 -20.94 27.34 -7.73
C LEU A 280 -22.20 26.72 -8.34
N ILE A 281 -23.13 26.28 -7.49
CA ILE A 281 -24.40 25.77 -8.00
C ILE A 281 -25.20 26.89 -8.66
N CYS A 282 -25.08 28.12 -8.11
CA CYS A 282 -25.72 29.27 -8.76
C CYS A 282 -25.16 29.49 -10.15
N VAL A 283 -23.86 29.26 -10.34
CA VAL A 283 -23.27 29.38 -11.67
C VAL A 283 -23.85 28.33 -12.60
N PHE A 284 -23.92 27.08 -12.13
CA PHE A 284 -24.48 26.00 -12.94
C PHE A 284 -25.86 26.35 -13.44
N SER A 285 -26.61 27.06 -12.60
CA SER A 285 -28.01 27.29 -12.87
C SER A 285 -28.24 28.43 -13.82
N HIS A 286 -27.16 29.03 -14.33
CA HIS A 286 -27.20 29.99 -15.42
C HIS A 286 -26.87 29.38 -16.77
N PHE A 287 -26.43 28.11 -16.81
CA PHE A 287 -25.94 27.51 -18.04
C PHE A 287 -26.65 26.21 -18.41
N PHE A 288 -27.59 25.75 -17.62
CA PHE A 288 -28.26 24.48 -17.86
C PHE A 288 -29.78 24.66 -17.77
N GLU A 289 -30.49 24.00 -18.69
CA GLU A 289 -31.95 24.05 -18.65
C GLU A 289 -32.49 23.35 -17.40
N GLU A 290 -31.92 22.20 -17.05
CA GLU A 290 -32.32 21.45 -15.88
C GLU A 290 -31.11 21.19 -15.00
N LEU A 291 -31.31 21.25 -13.68
CA LEU A 291 -30.26 21.06 -12.71
C LEU A 291 -30.83 20.27 -11.54
N TYR A 292 -30.16 19.19 -11.17
CA TYR A 292 -30.65 18.27 -10.16
C TYR A 292 -29.52 17.90 -9.21
N ILE A 293 -29.85 17.82 -7.91
CA ILE A 293 -29.00 17.16 -6.93
C ILE A 293 -29.51 15.74 -6.79
N THR A 294 -28.73 14.77 -7.27
CA THR A 294 -29.14 13.38 -7.25
C THR A 294 -28.39 12.61 -6.17
N LYS A 295 -29.02 11.52 -5.74
CA LYS A 295 -28.40 10.57 -4.80
C LYS A 295 -28.82 9.18 -5.24
N PRO A 296 -28.02 8.53 -6.09
CA PRO A 296 -28.36 7.17 -6.53
C PRO A 296 -28.37 6.21 -5.35
N THR A 297 -29.16 5.13 -5.51
CA THR A 297 -29.16 4.09 -4.49
C THR A 297 -27.83 3.36 -4.43
N SER A 298 -27.14 3.24 -5.57
CA SER A 298 -25.82 2.61 -5.58
C SER A 298 -24.79 3.44 -4.84
N SER A 299 -25.01 4.74 -4.73
CA SER A 299 -24.21 5.57 -3.83
C SER A 299 -24.59 5.25 -2.39
N ARG A 300 -23.57 5.05 -1.55
CA ARG A 300 -23.80 4.63 -0.17
C ARG A 300 -24.73 5.60 0.55
N PRO A 301 -25.84 5.12 1.11
CA PRO A 301 -26.71 6.05 1.85
C PRO A 301 -26.06 6.60 3.10
N THR A 302 -24.97 5.99 3.57
CA THR A 302 -24.28 6.42 4.77
C THR A 302 -23.22 7.49 4.52
N ASN A 303 -22.89 7.80 3.28
CA ASN A 303 -21.92 8.83 3.00
C ASN A 303 -22.61 10.05 2.38
N SER A 304 -21.91 11.18 2.43
CA SER A 304 -22.47 12.45 1.99
C SER A 304 -22.37 12.64 0.48
N GLU A 305 -21.78 11.71 -0.24
CA GLU A 305 -21.55 11.85 -1.67
C GLU A 305 -22.86 12.16 -2.40
N THR A 306 -22.82 13.22 -3.21
CA THR A 306 -23.94 13.63 -4.04
C THR A 306 -23.43 13.89 -5.45
N TYR A 307 -24.36 13.89 -6.41
CA TYR A 307 -24.02 14.12 -7.80
C TYR A 307 -24.89 15.24 -8.34
N ILE A 308 -24.24 16.32 -8.78
CA ILE A 308 -24.91 17.45 -9.39
C ILE A 308 -25.04 17.17 -10.88
N VAL A 309 -26.28 17.07 -11.35
CA VAL A 309 -26.57 16.70 -12.73
C VAL A 309 -27.17 17.91 -13.43
N GLY A 310 -26.50 18.37 -14.48
CA GLY A 310 -26.99 19.43 -15.34
C GLY A 310 -27.33 18.89 -16.71
N LYS A 311 -28.50 19.27 -17.21
CA LYS A 311 -29.02 18.76 -18.47
C LYS A 311 -29.28 19.90 -19.44
N ASN A 312 -28.96 19.65 -20.72
CA ASN A 312 -29.26 20.55 -21.83
C ASN A 312 -28.62 21.93 -21.61
N ARG A 313 -27.30 21.96 -21.81
CA ARG A 313 -26.55 23.20 -21.64
C ARG A 313 -27.15 24.31 -22.49
N LEU A 314 -27.59 25.39 -21.84
CA LEU A 314 -28.30 26.45 -22.53
C LEU A 314 -27.36 27.38 -23.29
N ARG A 315 -26.15 27.61 -22.78
CA ARG A 315 -25.24 28.56 -23.40
C ARG A 315 -23.82 28.31 -22.90
N LEU A 316 -22.88 28.98 -23.54
CA LEU A 316 -21.46 28.88 -23.21
C LEU A 316 -21.02 30.10 -22.40
N PHE A 317 -19.83 29.98 -21.81
CA PHE A 317 -19.22 31.13 -21.14
C PHE A 317 -19.00 32.27 -22.12
N THR A 318 -19.06 33.48 -21.61
CA THR A 318 -18.48 34.61 -22.32
C THR A 318 -16.98 34.63 -22.06
N PRO A 319 -16.20 35.29 -22.92
CA PRO A 319 -14.76 35.42 -22.64
C PRO A 319 -14.45 36.00 -21.27
N LYS A 320 -15.29 36.92 -20.79
CA LYS A 320 -15.08 37.48 -19.45
C LYS A 320 -15.32 36.42 -18.38
N GLU A 321 -16.45 35.71 -18.46
CA GLU A 321 -16.75 34.69 -17.47
C GLU A 321 -15.64 33.66 -17.36
N GLU A 322 -15.04 33.29 -18.50
CA GLU A 322 -13.91 32.39 -18.49
C GLU A 322 -12.74 32.96 -17.70
N GLN A 323 -12.42 34.23 -17.93
CA GLN A 323 -11.25 34.84 -17.31
C GLN A 323 -11.42 34.96 -15.79
N VAL A 324 -12.58 35.45 -15.36
CA VAL A 324 -12.84 35.62 -13.93
C VAL A 324 -12.74 34.27 -13.22
N LEU A 325 -13.40 33.26 -13.76
CA LEU A 325 -13.51 31.98 -13.08
C LEU A 325 -12.16 31.27 -13.02
N LEU A 326 -11.41 31.27 -14.13
CA LEU A 326 -10.08 30.67 -14.13
C LEU A 326 -9.14 31.41 -13.19
N LYS A 327 -9.33 32.71 -13.03
CA LYS A 327 -8.51 33.47 -12.08
C LYS A 327 -8.88 33.14 -10.64
N ARG A 328 -10.17 32.91 -10.38
CA ARG A 328 -10.60 32.50 -9.05
C ARG A 328 -9.94 31.19 -8.65
N LEU A 329 -9.77 30.27 -9.60
CA LEU A 329 -9.03 29.04 -9.33
C LEU A 329 -7.54 29.31 -9.17
N GLU A 330 -7.01 30.23 -9.98
CA GLU A 330 -5.57 30.49 -9.97
C GLU A 330 -5.10 30.97 -8.59
N PHE A 331 -5.87 31.85 -7.95
CA PHE A 331 -5.59 32.35 -6.60
C PHE A 331 -6.83 32.05 -5.76
N PHE A 332 -6.91 30.83 -5.27
CA PHE A 332 -8.15 30.30 -4.72
C PHE A 332 -8.38 30.77 -3.29
N ASN A 333 -9.58 31.29 -3.03
CA ASN A 333 -10.11 31.44 -1.68
C ASN A 333 -11.60 31.15 -1.73
N ASP A 334 -12.15 30.82 -0.56
CA ASP A 334 -13.51 30.30 -0.47
C ASP A 334 -14.58 31.40 -0.39
N THR A 335 -14.30 32.60 -0.88
CA THR A 335 -15.33 33.63 -0.96
C THR A 335 -16.33 33.25 -2.06
N PRO A 336 -17.63 33.42 -1.80
CA PRO A 336 -18.64 33.03 -2.79
C PRO A 336 -18.42 33.67 -4.17
N LEU A 337 -18.75 32.91 -5.21
CA LEU A 337 -18.54 33.35 -6.59
C LEU A 337 -19.57 34.37 -7.03
N VAL A 338 -20.76 34.36 -6.42
CA VAL A 338 -21.85 35.24 -6.80
C VAL A 338 -22.48 35.78 -5.51
N ASP A 339 -23.44 36.69 -5.69
CA ASP A 339 -24.18 37.27 -4.57
C ASP A 339 -25.30 36.31 -4.21
N LEU A 340 -25.07 35.50 -3.16
CA LEU A 340 -26.00 34.44 -2.81
C LEU A 340 -27.40 34.99 -2.51
N SER A 341 -27.49 36.24 -2.06
CA SER A 341 -28.79 36.83 -1.79
C SER A 341 -29.67 36.92 -3.03
N LEU A 342 -29.07 36.87 -4.21
CA LEU A 342 -29.80 36.91 -5.47
C LEU A 342 -30.29 35.54 -5.91
N TYR A 343 -30.25 34.53 -5.05
CA TYR A 343 -30.55 33.15 -5.43
C TYR A 343 -31.34 32.44 -4.33
N GLN A 344 -32.32 33.14 -3.74
CA GLN A 344 -33.02 32.58 -2.58
C GLN A 344 -33.82 31.34 -2.97
N ASN A 345 -34.54 31.41 -4.08
CA ASN A 345 -35.30 30.26 -4.56
C ASN A 345 -34.40 29.04 -4.69
N LEU A 346 -33.26 29.20 -5.37
CA LEU A 346 -32.35 28.08 -5.57
C LEU A 346 -31.80 27.56 -4.25
N LEU A 347 -31.43 28.47 -3.34
CA LEU A 347 -30.84 28.05 -2.08
C LEU A 347 -31.84 27.25 -1.24
N GLU A 348 -33.13 27.61 -1.32
CA GLU A 348 -34.14 26.83 -0.62
C GLU A 348 -34.27 25.44 -1.22
N SER A 349 -34.16 25.31 -2.54
CA SER A 349 -34.20 24.00 -3.17
C SER A 349 -32.97 23.18 -2.82
N VAL A 350 -31.80 23.83 -2.73
CA VAL A 350 -30.60 23.10 -2.35
C VAL A 350 -30.71 22.62 -0.91
N TYR A 351 -31.26 23.45 -0.02
CA TYR A 351 -31.46 23.00 1.36
C TYR A 351 -32.41 21.79 1.39
N PHE A 352 -33.46 21.80 0.56
CA PHE A 352 -34.36 20.67 0.51
C PHE A 352 -33.61 19.40 0.10
N ALA A 353 -32.61 19.54 -0.78
CA ALA A 353 -31.77 18.41 -1.11
C ALA A 353 -30.96 17.98 0.10
N VAL A 354 -30.31 18.93 0.76
CA VAL A 354 -29.50 18.64 1.94
C VAL A 354 -30.35 17.97 3.02
N GLU A 355 -31.54 18.53 3.26
CA GLU A 355 -32.47 17.93 4.21
C GLU A 355 -32.80 16.49 3.82
N THR A 356 -33.16 16.27 2.56
CA THR A 356 -33.60 14.95 2.12
C THR A 356 -32.44 13.96 2.09
N ILE A 357 -31.30 14.37 1.52
CA ILE A 357 -30.20 13.43 1.32
C ILE A 357 -29.41 13.24 2.60
N HIS A 358 -28.94 14.34 3.21
CA HIS A 358 -28.00 14.25 4.31
C HIS A 358 -28.67 14.24 5.67
N LEU A 359 -29.59 15.18 5.93
CA LEU A 359 -30.16 15.28 7.27
C LEU A 359 -31.18 14.17 7.54
N LYS A 360 -31.86 13.68 6.52
CA LYS A 360 -32.81 12.58 6.73
C LYS A 360 -32.16 11.24 6.43
N GLN A 361 -31.83 10.99 5.15
CA GLN A 361 -31.36 9.66 4.78
C GLN A 361 -30.04 9.30 5.46
N GLN A 362 -29.01 10.15 5.28
CA GLN A 362 -27.69 9.78 5.77
C GLN A 362 -27.67 9.62 7.28
N ILE A 363 -28.33 10.52 8.00
CA ILE A 363 -28.35 10.45 9.45
C ILE A 363 -29.08 9.19 9.92
N GLU A 364 -30.19 8.84 9.24
CA GLU A 364 -30.93 7.64 9.61
C GLU A 364 -30.09 6.39 9.45
N PHE A 365 -29.29 6.33 8.38
CA PHE A 365 -28.47 5.15 8.14
C PHE A 365 -27.26 5.10 9.07
N LEU A 366 -26.66 6.27 9.35
CA LEU A 366 -25.59 6.31 10.34
C LEU A 366 -26.10 5.85 11.69
N ASN A 367 -27.26 6.35 12.12
CA ASN A 367 -27.88 5.87 13.34
C ASN A 367 -28.15 4.37 13.26
N PHE A 368 -28.58 3.90 12.09
CA PHE A 368 -28.86 2.49 11.91
C PHE A 368 -27.60 1.64 12.05
N GLY A 369 -26.48 2.14 11.52
CA GLY A 369 -25.22 1.41 11.64
C GLY A 369 -24.75 1.32 13.08
N MET A 370 -24.97 2.37 13.87
CA MET A 370 -24.57 2.32 15.27
C MET A 370 -25.46 1.39 16.07
N LYS A 371 -26.76 1.36 15.75
CA LYS A 371 -27.65 0.40 16.39
C LYS A 371 -27.20 -1.03 16.09
N CYS A 372 -26.82 -1.29 14.84
CA CYS A 372 -26.30 -2.62 14.49
C CYS A 372 -25.01 -2.91 15.25
N TYR A 373 -24.15 -1.91 15.42
CA TYR A 373 -22.91 -2.14 16.14
C TYR A 373 -23.17 -2.51 17.59
N ARG A 374 -24.07 -1.78 18.25
CA ARG A 374 -24.32 -2.04 19.67
C ARG A 374 -24.92 -3.42 19.90
N HIS A 375 -25.68 -3.94 18.94
CA HIS A 375 -26.37 -5.21 19.10
C HIS A 375 -25.69 -6.35 18.37
N PHE A 376 -24.71 -6.08 17.51
CA PHE A 376 -24.09 -7.14 16.75
C PHE A 376 -22.57 -7.00 16.64
N TYR A 377 -21.93 -6.15 17.45
CA TYR A 377 -20.47 -6.06 17.38
C TYR A 377 -19.85 -7.43 17.58
N ASN A 378 -20.41 -8.23 18.48
CA ASN A 378 -19.90 -9.57 18.78
C ASN A 378 -20.73 -10.67 18.10
N LYS A 379 -21.50 -10.33 17.07
CA LYS A 379 -22.30 -11.34 16.36
C LYS A 379 -22.39 -10.98 14.87
N ILE A 380 -21.25 -10.72 14.24
CA ILE A 380 -21.24 -10.27 12.84
C ILE A 380 -21.96 -11.27 11.95
N LYS A 381 -21.74 -12.57 12.18
CA LYS A 381 -22.36 -13.58 11.33
C LYS A 381 -23.88 -13.53 11.40
N LEU A 382 -24.43 -13.26 12.58
CA LEU A 382 -25.88 -13.27 12.75
C LEU A 382 -26.52 -12.07 12.04
N LEU A 383 -25.87 -10.91 12.10
CA LEU A 383 -26.40 -9.74 11.38
C LEU A 383 -26.34 -9.96 9.88
N ASN A 384 -25.26 -10.59 9.39
CA ASN A 384 -25.17 -10.91 7.97
C ASN A 384 -26.23 -11.92 7.57
N ASP A 385 -26.55 -12.87 8.47
CA ASP A 385 -27.63 -13.80 8.21
C ASP A 385 -28.97 -13.07 8.12
N TYR A 386 -29.24 -12.19 9.09
CA TYR A 386 -30.50 -11.46 9.12
C TYR A 386 -30.73 -10.67 7.83
N LEU A 387 -29.68 -10.06 7.30
CA LEU A 387 -29.79 -9.12 6.20
C LEU A 387 -29.57 -9.76 4.84
N ALA A 388 -29.04 -10.97 4.78
CA ALA A 388 -28.85 -11.65 3.49
C ALA A 388 -30.11 -11.70 2.64
N PRO A 389 -31.29 -12.05 3.17
CA PRO A 389 -32.50 -11.99 2.32
C PRO A 389 -32.78 -10.59 1.80
N LYS A 390 -32.66 -9.57 2.65
CA LYS A 390 -32.95 -8.21 2.22
C LYS A 390 -31.97 -7.74 1.16
N LYS A 391 -30.69 -8.14 1.29
CA LYS A 391 -29.70 -7.74 0.31
C LYS A 391 -30.06 -8.23 -1.09
N LYS A 392 -30.58 -9.45 -1.20
CA LYS A 392 -31.01 -9.94 -2.50
C LYS A 392 -32.18 -9.13 -3.03
N ILE A 393 -33.14 -8.82 -2.16
CA ILE A 393 -34.30 -8.01 -2.57
C ILE A 393 -33.84 -6.66 -3.09
N PHE A 394 -32.97 -5.99 -2.32
CA PHE A 394 -32.49 -4.66 -2.72
C PHE A 394 -31.78 -4.74 -4.08
N GLN A 395 -30.89 -5.72 -4.25
CA GLN A 395 -30.12 -5.82 -5.48
C GLN A 395 -30.99 -6.28 -6.64
N ASP A 396 -31.94 -7.18 -6.38
CA ASP A 396 -32.89 -7.55 -7.42
C ASP A 396 -33.72 -6.35 -7.86
N ARG A 397 -34.11 -5.50 -6.91
CA ARG A 397 -34.81 -4.26 -7.26
C ARG A 397 -33.96 -3.39 -8.17
N TRP A 398 -32.69 -3.20 -7.81
CA TRP A 398 -31.80 -2.36 -8.61
C TRP A 398 -31.70 -2.86 -10.05
N ARG A 399 -31.52 -4.17 -10.21
CA ARG A 399 -31.38 -4.73 -11.55
C ARG A 399 -32.68 -4.63 -12.34
N VAL A 400 -33.83 -4.61 -11.65
CA VAL A 400 -35.10 -4.43 -12.33
C VAL A 400 -35.29 -2.97 -12.73
N LEU A 401 -34.81 -2.02 -11.90
CA LEU A 401 -34.98 -0.60 -12.19
C LEU A 401 -33.98 -0.09 -13.22
N ASN A 402 -32.77 -0.64 -13.22
CA ASN A 402 -31.70 -0.24 -14.13
C ASN A 402 -31.38 -1.45 -14.99
N LYS A 403 -32.20 -1.65 -16.02
CA LYS A 403 -32.13 -2.87 -16.81
C LYS A 403 -30.78 -3.00 -17.51
N LEU A 404 -30.22 -4.20 -17.46
CA LEU A 404 -28.91 -4.49 -18.02
C LEU A 404 -29.06 -5.49 -19.17
N TYR A 405 -28.14 -5.38 -20.13
CA TYR A 405 -28.09 -6.30 -21.25
C TYR A 405 -26.64 -6.66 -21.51
N VAL A 406 -26.43 -7.87 -22.03
CA VAL A 406 -25.09 -8.38 -22.24
C VAL A 406 -24.35 -7.49 -23.23
N LEU A 407 -23.16 -7.04 -22.86
CA LEU A 407 -22.35 -6.21 -23.73
C LEU A 407 -21.54 -7.08 -24.68
N GLU A 408 -21.74 -6.86 -25.98
CA GLU A 408 -21.03 -7.65 -26.98
C GLU A 408 -19.52 -7.41 -26.87
N LYS A 409 -18.75 -8.45 -27.22
CA LYS A 409 -17.29 -8.37 -27.07
C LYS A 409 -16.70 -7.32 -28.01
N LYS A 410 -17.26 -7.17 -29.20
CA LYS A 410 -16.74 -6.20 -30.16
C LYS A 410 -16.84 -4.77 -29.65
N HIS A 411 -17.61 -4.52 -28.59
CA HIS A 411 -17.77 -3.19 -28.02
C HIS A 411 -17.10 -3.04 -26.66
N LYS A 412 -16.47 -4.10 -26.15
CA LYS A 412 -15.72 -3.98 -24.91
C LYS A 412 -14.57 -2.98 -25.06
N LEU A 413 -14.35 -2.19 -24.03
CA LEU A 413 -13.16 -1.34 -23.99
C LEU A 413 -11.92 -2.21 -23.97
N LYS A 414 -10.87 -1.76 -24.66
CA LYS A 414 -9.60 -2.47 -24.67
C LYS A 414 -8.87 -2.20 -23.35
N LEU A 415 -8.59 -3.26 -22.60
CA LEU A 415 -7.96 -3.16 -21.29
C LEU A 415 -6.58 -3.81 -21.33
N CYS A 416 -5.66 -3.25 -20.54
CA CYS A 416 -4.28 -3.71 -20.49
C CYS A 416 -3.95 -4.52 -19.23
N ALA A 417 -4.84 -4.56 -18.25
CA ALA A 417 -4.59 -5.25 -16.99
C ALA A 417 -5.84 -6.03 -16.56
N SER A 418 -5.68 -6.85 -15.52
CA SER A 418 -6.67 -7.90 -15.20
C SER A 418 -7.69 -7.43 -14.16
N HIS A 419 -7.28 -7.36 -12.89
CA HIS A 419 -8.21 -6.99 -11.83
C HIS A 419 -8.36 -5.46 -11.75
N TYR B 13 34.69 4.03 33.43
CA TYR B 13 36.01 3.87 34.01
C TYR B 13 36.97 3.16 33.07
N ASP B 14 37.70 2.18 33.60
CA ASP B 14 38.77 1.53 32.83
C ASP B 14 38.21 0.68 31.70
N TRP B 15 37.32 -0.25 32.03
CA TRP B 15 36.79 -1.22 31.07
C TRP B 15 36.24 -0.54 29.81
N LEU B 16 35.78 0.71 29.92
CA LEU B 16 35.08 1.36 28.83
C LEU B 16 35.98 1.72 27.66
N LYS B 17 37.30 1.76 27.86
CA LYS B 17 38.22 2.15 26.80
C LYS B 17 39.13 1.02 26.32
N THR B 18 39.16 -0.11 27.01
CA THR B 18 39.82 -1.31 26.49
C THR B 18 38.98 -2.01 25.43
N VAL B 19 37.96 -1.34 24.90
CA VAL B 19 37.10 -1.92 23.87
C VAL B 19 37.90 -1.98 22.57
N GLU B 20 38.19 -3.19 22.11
CA GLU B 20 38.94 -3.55 20.91
C GLU B 20 37.99 -3.70 19.73
N PRO B 21 38.41 -3.29 18.53
CA PRO B 21 37.54 -3.44 17.35
C PRO B 21 37.14 -4.88 17.08
N THR B 22 35.92 -5.03 16.55
CA THR B 22 35.42 -6.32 16.12
C THR B 22 35.78 -6.57 14.66
N ASN B 23 35.77 -7.84 14.29
CA ASN B 23 36.10 -8.25 12.93
C ASN B 23 34.86 -8.76 12.21
N PHE B 24 34.89 -8.67 10.89
CA PHE B 24 33.93 -9.45 10.11
C PHE B 24 34.23 -10.92 10.36
N LEU B 25 33.37 -11.58 11.13
CA LEU B 25 33.55 -13.00 11.38
C LEU B 25 32.99 -13.79 10.20
N LYS B 26 33.84 -14.63 9.61
CA LYS B 26 33.50 -15.36 8.40
C LYS B 26 34.09 -16.75 8.50
N ILE B 27 33.23 -17.75 8.67
CA ILE B 27 33.65 -19.13 8.94
C ILE B 27 33.13 -20.00 7.80
N GLY B 28 34.03 -20.43 6.93
CA GLY B 28 33.64 -21.25 5.79
C GLY B 28 33.41 -22.69 6.18
N LEU B 29 32.47 -23.31 5.48
CA LEU B 29 32.10 -24.68 5.76
C LEU B 29 32.58 -25.60 4.64
N PRO B 30 33.13 -26.76 4.97
CA PRO B 30 33.67 -27.65 3.93
C PRO B 30 32.56 -28.29 3.10
N TYR B 31 32.76 -28.29 1.78
CA TYR B 31 31.75 -28.81 0.86
C TYR B 31 31.67 -30.34 0.97
N GLN B 32 30.46 -30.86 0.81
CA GLN B 32 30.18 -32.28 1.00
C GLN B 32 30.25 -32.99 -0.35
N ALA B 33 31.18 -33.95 -0.47
CA ALA B 33 31.31 -34.69 -1.72
C ALA B 33 30.13 -35.66 -1.91
N HIS B 34 29.71 -36.33 -0.85
CA HIS B 34 28.70 -37.37 -0.95
C HIS B 34 27.35 -36.78 -1.37
N PRO B 35 26.53 -37.56 -2.09
CA PRO B 35 25.19 -37.10 -2.46
C PRO B 35 24.33 -36.84 -1.23
N LEU B 36 23.21 -36.16 -1.47
CA LEU B 36 22.29 -35.73 -0.42
C LEU B 36 21.09 -36.68 -0.37
N HIS B 37 20.76 -37.14 0.85
CA HIS B 37 19.61 -38.01 1.08
C HIS B 37 18.77 -37.41 2.20
N LEU B 38 17.64 -36.80 1.83
CA LEU B 38 16.70 -36.31 2.83
C LEU B 38 16.02 -37.49 3.52
N GLN B 39 16.25 -37.62 4.83
CA GLN B 39 15.76 -38.78 5.57
C GLN B 39 14.32 -38.62 6.01
N THR B 43 17.32 -41.52 13.30
CA THR B 43 18.75 -41.84 13.37
C THR B 43 19.34 -41.35 14.68
N THR B 44 20.24 -42.15 15.25
CA THR B 44 20.94 -41.78 16.48
C THR B 44 21.84 -40.57 16.20
N PRO B 45 21.68 -39.47 16.92
CA PRO B 45 22.42 -38.25 16.55
C PRO B 45 23.88 -38.37 16.92
N PRO B 46 24.76 -37.71 16.17
CA PRO B 46 26.18 -37.70 16.54
C PRO B 46 26.41 -37.02 17.89
N SER B 47 27.43 -37.48 18.59
CA SER B 47 27.73 -36.98 19.93
C SER B 47 28.08 -35.49 19.92
N ILE B 48 28.46 -34.94 18.77
CA ILE B 48 28.80 -33.52 18.70
C ILE B 48 27.60 -32.65 19.02
N LEU B 49 26.39 -33.18 18.79
CA LEU B 49 25.17 -32.44 19.13
C LEU B 49 25.12 -32.08 20.61
N GLU B 50 25.94 -32.73 21.44
CA GLU B 50 25.97 -32.40 22.87
C GLU B 50 26.75 -31.12 23.13
N LYS B 51 27.83 -30.90 22.38
CA LYS B 51 28.53 -29.62 22.47
C LYS B 51 27.60 -28.47 22.11
N PHE B 52 26.75 -28.66 21.10
CA PHE B 52 25.83 -27.61 20.69
C PHE B 52 24.80 -27.32 21.76
N LYS B 53 24.32 -28.36 22.45
CA LYS B 53 23.32 -28.13 23.50
C LYS B 53 23.95 -27.43 24.71
N ARG B 54 25.19 -27.79 25.05
CA ARG B 54 25.90 -27.05 26.08
C ARG B 54 26.05 -25.59 25.72
N ALA B 55 26.38 -25.32 24.45
CA ALA B 55 26.48 -23.94 23.99
C ALA B 55 25.14 -23.22 24.11
N ASP B 56 24.04 -23.92 23.80
CA ASP B 56 22.72 -23.31 23.93
C ASP B 56 22.40 -22.99 25.38
N ILE B 57 22.70 -23.91 26.30
CA ILE B 57 22.45 -23.65 27.72
C ILE B 57 23.26 -22.46 28.19
N LEU B 58 24.56 -22.46 27.85
CA LEU B 58 25.43 -21.37 28.29
C LEU B 58 24.96 -20.03 27.74
N LEU B 59 24.58 -19.99 26.48
CA LEU B 59 24.22 -18.71 25.86
C LEU B 59 22.87 -18.20 26.38
N ASN B 60 21.92 -19.11 26.62
CA ASN B 60 20.67 -18.68 27.22
C ASN B 60 20.85 -18.26 28.67
N GLU B 61 21.84 -18.82 29.36
CA GLU B 61 22.24 -18.32 30.68
C GLU B 61 22.59 -16.84 30.61
N VAL B 62 23.58 -16.50 29.79
CA VAL B 62 24.05 -15.12 29.70
C VAL B 62 22.93 -14.19 29.24
N LYS B 63 22.07 -14.67 28.35
CA LYS B 63 20.92 -13.88 27.94
C LYS B 63 19.92 -13.74 29.07
N ALA B 64 19.78 -14.77 29.91
CA ALA B 64 18.81 -14.72 31.00
C ALA B 64 19.14 -13.64 32.02
N GLU B 65 20.36 -13.11 32.01
CA GLU B 65 20.74 -12.07 32.96
C GLU B 65 19.93 -10.79 32.77
N MET B 66 19.28 -10.63 31.61
CA MET B 66 18.43 -9.49 31.33
C MET B 66 17.06 -9.56 31.99
N ASP B 67 16.68 -10.72 32.54
CA ASP B 67 15.32 -10.92 33.00
C ASP B 67 14.87 -9.93 34.07
N PRO B 68 15.65 -9.67 35.13
CA PRO B 68 15.18 -8.71 36.15
C PRO B 68 14.88 -7.33 35.58
N LEU B 69 15.63 -6.90 34.57
CA LEU B 69 15.35 -5.62 33.92
C LEU B 69 14.04 -5.65 33.14
N MET B 70 13.70 -6.80 32.55
CA MET B 70 12.48 -6.93 31.77
C MET B 70 11.22 -6.85 32.63
N LEU B 71 11.35 -6.97 33.95
CA LEU B 71 10.18 -6.99 34.83
C LEU B 71 9.38 -5.71 34.72
N GLN B 72 10.01 -4.58 35.01
CA GLN B 72 9.28 -3.32 34.92
C GLN B 72 9.60 -2.61 33.61
N PRO B 73 8.63 -1.88 33.05
CA PRO B 73 8.92 -1.12 31.81
C PRO B 73 9.91 0.02 32.01
N GLU B 74 10.04 0.54 33.23
CA GLU B 74 11.01 1.59 33.49
C GLU B 74 12.43 1.11 33.24
N THR B 75 12.75 -0.09 33.71
CA THR B 75 14.08 -0.66 33.49
C THR B 75 14.23 -1.25 32.10
N GLU B 76 13.14 -1.80 31.55
CA GLU B 76 13.17 -2.29 30.17
C GLU B 76 13.60 -1.19 29.21
N LYS B 77 13.06 0.01 29.39
CA LYS B 77 13.43 1.14 28.54
C LYS B 77 14.91 1.46 28.68
N LYS B 78 15.39 1.62 29.92
CA LYS B 78 16.78 1.97 30.14
C LYS B 78 17.72 0.91 29.58
N LEU B 79 17.31 -0.36 29.63
CA LEU B 79 18.13 -1.44 29.07
C LEU B 79 18.34 -1.24 27.58
N PHE B 80 17.25 -1.03 26.85
CA PHE B 80 17.36 -0.83 25.41
C PHE B 80 18.03 0.50 25.07
N GLN B 81 17.94 1.48 25.99
CA GLN B 81 18.73 2.70 25.81
C GLN B 81 20.21 2.41 25.92
N ILE B 82 20.61 1.65 26.94
CA ILE B 82 22.01 1.24 27.09
C ILE B 82 22.45 0.44 25.87
N LEU B 83 21.58 -0.42 25.35
CA LEU B 83 21.94 -1.25 24.20
C LEU B 83 22.06 -0.43 22.93
N SER B 84 21.26 0.64 22.79
CA SER B 84 21.48 1.56 21.68
C SER B 84 22.80 2.29 21.83
N SER B 85 23.18 2.61 23.07
CA SER B 85 24.39 3.39 23.32
C SER B 85 25.66 2.63 22.99
N ILE B 86 25.63 1.30 23.00
CA ILE B 86 26.80 0.49 22.67
C ILE B 86 26.73 -0.02 21.23
N ASP B 87 25.87 0.57 20.40
CA ASP B 87 25.88 0.35 18.96
C ASP B 87 26.95 1.26 18.38
N MET B 88 28.05 0.68 17.92
CA MET B 88 29.22 1.46 17.51
C MET B 88 29.12 2.01 16.09
N PHE B 89 27.99 1.81 15.40
CA PHE B 89 27.89 2.16 13.99
C PHE B 89 26.68 3.03 13.67
N LYS B 90 25.92 3.47 14.68
CA LYS B 90 24.70 4.22 14.42
C LYS B 90 25.00 5.56 13.76
N GLY B 91 26.04 6.26 14.21
CA GLY B 91 26.39 7.54 13.62
C GLY B 91 26.86 7.44 12.18
N LEU B 92 27.36 6.27 11.78
CA LEU B 92 27.82 6.08 10.41
C LEU B 92 26.69 6.11 9.40
N ARG B 93 25.46 5.85 9.83
CA ARG B 93 24.32 5.82 8.90
C ARG B 93 24.01 7.20 8.36
N LYS B 94 23.84 8.18 9.25
CA LYS B 94 23.58 9.55 8.81
C LYS B 94 24.71 10.06 7.93
N LYS B 95 25.94 9.66 8.25
CA LYS B 95 27.09 10.07 7.44
C LYS B 95 26.98 9.53 6.02
N VAL B 96 26.65 8.24 5.87
CA VAL B 96 26.62 7.62 4.56
C VAL B 96 25.53 8.24 3.70
N GLU B 97 24.34 8.46 4.27
CA GLU B 97 23.25 9.07 3.51
C GLU B 97 23.63 10.48 3.06
N PHE B 98 24.20 11.27 3.97
CA PHE B 98 24.49 12.67 3.67
C PHE B 98 25.64 12.79 2.67
N THR B 99 26.69 11.99 2.85
CA THR B 99 27.88 12.14 2.02
C THR B 99 27.73 11.43 0.67
N TYR B 100 27.09 10.25 0.66
CA TYR B 100 27.14 9.37 -0.51
C TYR B 100 25.79 9.16 -1.18
N ASN B 101 24.76 9.93 -0.80
CA ASN B 101 23.45 9.88 -1.43
C ASN B 101 22.74 8.56 -1.24
N ALA B 102 23.08 7.78 -0.22
CA ALA B 102 22.46 6.50 -0.02
C ALA B 102 21.06 6.65 0.56
N GLN B 103 20.18 5.72 0.23
CA GLN B 103 18.80 5.72 0.69
C GLN B 103 18.56 4.52 1.60
N ILE B 104 17.52 4.66 2.44
CA ILE B 104 17.11 3.62 3.38
C ILE B 104 18.33 3.10 4.12
N VAL B 105 19.15 4.03 4.63
CA VAL B 105 20.37 3.66 5.32
C VAL B 105 20.04 3.29 6.75
N THR B 106 19.35 2.17 6.92
CA THR B 106 19.17 1.58 8.24
C THR B 106 20.40 0.75 8.59
N ASN B 107 20.33 0.07 9.73
CA ASN B 107 21.40 -0.87 10.08
C ASN B 107 21.50 -2.00 9.05
N ALA B 108 20.37 -2.39 8.46
CA ALA B 108 20.39 -3.43 7.43
C ALA B 108 21.17 -2.98 6.21
N TRP B 109 21.07 -1.71 5.85
CA TRP B 109 21.88 -1.17 4.76
C TRP B 109 23.36 -1.41 5.00
N LEU B 110 23.84 -1.07 6.21
CA LEU B 110 25.24 -1.30 6.56
C LEU B 110 25.60 -2.76 6.45
N LYS B 111 24.77 -3.63 7.02
CA LYS B 111 25.08 -5.06 7.06
C LYS B 111 25.21 -5.64 5.66
N MET B 112 24.32 -5.23 4.75
CA MET B 112 24.38 -5.80 3.40
C MET B 112 25.53 -5.21 2.59
N TYR B 113 25.75 -3.89 2.69
CA TYR B 113 26.90 -3.30 2.01
C TYR B 113 28.19 -3.91 2.50
N GLU B 114 28.29 -4.15 3.81
CA GLU B 114 29.47 -4.83 4.35
C GLU B 114 29.54 -6.27 3.87
N LEU B 115 28.38 -6.93 3.73
CA LEU B 115 28.36 -8.28 3.17
C LEU B 115 28.82 -8.27 1.72
N LEU B 116 28.43 -7.26 0.95
CA LEU B 116 28.73 -7.25 -0.48
C LEU B 116 30.20 -6.99 -0.76
N ASN B 117 30.86 -6.15 0.05
CA ASN B 117 32.28 -5.90 -0.15
C ASN B 117 33.12 -7.09 0.28
N THR B 118 32.72 -7.77 1.35
CA THR B 118 33.57 -8.79 1.94
C THR B 118 33.43 -10.13 1.24
N MET B 119 32.25 -10.46 0.70
CA MET B 119 32.02 -11.80 0.20
C MET B 119 32.45 -12.00 -1.24
N ASN B 120 32.62 -10.93 -2.02
CA ASN B 120 33.16 -11.00 -3.37
C ASN B 120 32.30 -11.90 -4.26
N PHE B 121 31.02 -11.56 -4.36
CA PHE B 121 30.09 -12.35 -5.16
C PHE B 121 30.46 -12.26 -6.64
N ASN B 122 30.18 -13.34 -7.37
CA ASN B 122 30.49 -13.34 -8.79
C ASN B 122 29.56 -12.44 -9.59
N ASN B 123 28.35 -12.20 -9.09
CA ASN B 123 27.35 -11.41 -9.80
C ASN B 123 26.19 -11.09 -8.89
N THR B 124 25.88 -9.80 -8.72
CA THR B 124 24.77 -9.35 -7.89
C THR B 124 23.80 -8.46 -8.67
N SER B 125 23.70 -8.69 -9.98
CA SER B 125 23.00 -7.77 -10.87
C SER B 125 21.52 -8.10 -11.05
N GLN B 126 21.04 -9.21 -10.51
CA GLN B 126 19.62 -9.56 -10.54
C GLN B 126 19.28 -10.17 -9.20
N ALA B 127 18.52 -9.45 -8.37
CA ALA B 127 18.38 -9.77 -6.96
C ALA B 127 16.93 -10.03 -6.59
N PHE B 128 16.71 -11.02 -5.73
CA PHE B 128 15.41 -11.30 -5.11
C PHE B 128 15.61 -11.23 -3.60
N CYS B 129 15.02 -10.20 -2.98
CA CYS B 129 15.18 -9.95 -1.55
C CYS B 129 13.87 -10.30 -0.86
N ASN B 130 13.87 -11.38 -0.09
CA ASN B 130 12.68 -11.86 0.60
C ASN B 130 12.73 -11.46 2.07
N CYS B 131 11.54 -11.43 2.68
CA CYS B 131 11.38 -11.00 4.07
C CYS B 131 12.02 -9.64 4.31
N GLU B 132 11.67 -8.69 3.46
CA GLU B 132 12.24 -7.36 3.52
C GLU B 132 11.19 -6.40 2.96
N LEU B 133 10.83 -5.39 3.75
CA LEU B 133 9.87 -4.40 3.27
C LEU B 133 10.43 -2.98 3.39
N PRO B 134 11.10 -2.61 4.49
CA PRO B 134 11.75 -1.28 4.51
C PRO B 134 12.64 -1.04 3.30
N GLY B 135 13.46 -2.01 2.95
CA GLY B 135 14.30 -1.93 1.77
C GLY B 135 15.77 -1.70 2.00
N GLY B 136 16.25 -1.88 3.24
CA GLY B 136 17.67 -1.66 3.51
C GLY B 136 18.57 -2.52 2.64
N PHE B 137 18.27 -3.81 2.54
CA PHE B 137 19.08 -4.70 1.70
C PHE B 137 19.01 -4.28 0.25
N ILE B 138 17.80 -4.08 -0.28
CA ILE B 138 17.63 -3.70 -1.68
C ILE B 138 18.38 -2.42 -1.98
N SER B 139 18.36 -1.45 -1.05
CA SER B 139 19.05 -0.19 -1.29
C SER B 139 20.56 -0.38 -1.33
N ALA B 140 21.11 -1.23 -0.46
CA ALA B 140 22.54 -1.47 -0.46
C ALA B 140 22.99 -2.17 -1.74
N ILE B 141 22.23 -3.17 -2.19
CA ILE B 141 22.55 -3.83 -3.45
C ILE B 141 22.49 -2.83 -4.61
N ASN B 142 21.49 -1.95 -4.60
CA ASN B 142 21.38 -0.93 -5.63
C ASN B 142 22.57 0.01 -5.58
N HIS B 143 22.90 0.52 -4.39
CA HIS B 143 24.05 1.41 -4.24
C HIS B 143 25.34 0.71 -4.67
N PHE B 144 25.57 -0.50 -4.15
CA PHE B 144 26.78 -1.24 -4.46
C PHE B 144 26.87 -1.55 -5.95
N ASN B 145 25.75 -1.87 -6.59
CA ASN B 145 25.79 -2.31 -7.98
C ASN B 145 26.19 -1.18 -8.93
N TYR B 146 25.73 0.04 -8.64
CA TYR B 146 26.04 1.15 -9.53
C TYR B 146 27.39 1.77 -9.20
N THR B 147 27.66 2.00 -7.91
CA THR B 147 28.87 2.71 -7.53
C THR B 147 30.11 1.83 -7.53
N MET B 148 29.97 0.52 -7.30
CA MET B 148 31.10 -0.38 -7.20
C MET B 148 31.20 -1.35 -8.36
N MET B 149 30.10 -2.01 -8.72
CA MET B 149 30.12 -2.97 -9.82
C MET B 149 29.97 -2.29 -11.18
N HIS B 150 29.41 -1.08 -11.22
CA HIS B 150 29.18 -0.36 -12.46
C HIS B 150 28.31 -1.16 -13.42
N TYR B 151 27.26 -1.78 -12.88
CA TYR B 151 26.29 -2.46 -13.71
C TYR B 151 25.49 -1.44 -14.50
N PRO B 152 25.27 -1.65 -15.80
CA PRO B 152 24.44 -0.70 -16.56
C PRO B 152 23.02 -0.62 -16.05
N THR B 153 22.47 -1.73 -15.57
CA THR B 153 21.13 -1.77 -15.01
C THR B 153 21.12 -2.74 -13.84
N PHE B 154 20.16 -2.56 -12.95
CA PHE B 154 19.97 -3.44 -11.80
C PHE B 154 18.48 -3.77 -11.70
N ASN B 155 18.15 -5.04 -11.92
CA ASN B 155 16.77 -5.50 -11.83
C ASN B 155 16.59 -6.33 -10.57
N TRP B 156 15.45 -6.16 -9.92
CA TRP B 156 15.24 -6.80 -8.64
C TRP B 156 13.75 -7.05 -8.41
N VAL B 157 13.47 -8.12 -7.69
CA VAL B 157 12.13 -8.36 -7.15
C VAL B 157 12.26 -8.53 -5.65
N ALA B 158 11.18 -8.25 -4.94
CA ALA B 158 11.23 -8.32 -3.49
C ALA B 158 9.89 -8.80 -2.97
N SER B 159 9.87 -9.17 -1.69
CA SER B 159 8.64 -9.59 -1.03
C SER B 159 8.80 -9.40 0.46
N SER B 160 7.67 -9.26 1.14
CA SER B 160 7.63 -9.20 2.59
C SER B 160 6.23 -9.58 3.02
N LEU B 161 6.10 -9.97 4.30
CA LEU B 161 4.80 -10.33 4.83
C LEU B 161 3.91 -9.08 4.86
N TYR B 162 2.83 -9.11 4.08
CA TYR B 162 1.83 -8.06 4.09
C TYR B 162 0.61 -8.58 4.83
N PRO B 163 0.46 -8.30 6.12
CA PRO B 163 -0.64 -8.90 6.88
C PRO B 163 -1.98 -8.27 6.55
N SER B 164 -3.04 -9.07 6.70
CA SER B 164 -4.41 -8.62 6.54
C SER B 164 -4.95 -7.99 7.82
N SER B 165 -4.21 -7.03 8.37
CA SER B 165 -4.56 -6.42 9.63
C SER B 165 -3.98 -5.01 9.76
N GLU B 171 6.68 -3.60 7.47
CA GLU B 171 6.10 -2.30 7.12
C GLU B 171 6.99 -1.57 6.11
N ASP B 172 6.38 -0.61 5.41
CA ASP B 172 6.97 0.04 4.24
C ASP B 172 7.30 1.49 4.57
N HIS B 173 8.27 1.70 5.47
CA HIS B 173 8.48 3.03 6.07
C HIS B 173 9.04 4.06 5.08
N TYR B 174 9.70 3.63 4.01
CA TYR B 174 10.31 4.56 3.08
C TYR B 174 9.57 4.66 1.76
N GLY B 175 8.47 3.93 1.58
CA GLY B 175 7.74 3.96 0.34
C GLY B 175 8.31 3.10 -0.77
N LEU B 176 9.28 2.24 -0.47
CA LEU B 176 9.86 1.40 -1.52
C LEU B 176 8.80 0.46 -2.12
N TYR B 177 7.86 0.00 -1.30
CA TYR B 177 6.87 -0.94 -1.80
C TYR B 177 5.83 -0.25 -2.67
N GLN B 178 5.14 0.75 -2.11
CA GLN B 178 4.01 1.35 -2.81
C GLN B 178 4.47 2.11 -4.06
N CYS B 179 5.70 2.61 -4.07
CA CYS B 179 6.22 3.33 -5.23
C CYS B 179 6.73 2.42 -6.34
N ASN B 180 6.81 1.10 -6.10
CA ASN B 180 7.33 0.15 -7.09
C ASN B 180 6.51 -1.13 -7.07
N PRO B 181 5.17 -1.10 -7.37
CA PRO B 181 4.38 -2.30 -7.24
C PRO B 181 4.90 -3.43 -8.11
N ASP B 182 5.38 -3.12 -9.33
CA ASP B 182 5.77 -4.21 -10.22
C ASP B 182 6.90 -5.04 -9.66
N ASN B 183 7.70 -4.48 -8.76
CA ASN B 183 8.87 -5.18 -8.23
C ASN B 183 8.55 -6.06 -7.03
N TRP B 184 7.40 -5.88 -6.40
CA TRP B 184 7.05 -6.61 -5.19
C TRP B 184 6.06 -7.72 -5.52
N LEU B 185 6.34 -8.92 -5.00
CA LEU B 185 5.65 -10.12 -5.42
C LEU B 185 4.52 -10.54 -4.48
N MET B 186 4.41 -9.93 -3.30
CA MET B 186 3.30 -10.23 -2.42
C MET B 186 2.08 -9.38 -2.80
N GLN B 187 0.95 -9.66 -2.16
CA GLN B 187 -0.32 -9.04 -2.52
C GLN B 187 -0.92 -8.32 -1.32
N SER B 188 -1.72 -7.29 -1.63
CA SER B 188 -2.39 -6.48 -0.63
C SER B 188 -3.63 -7.19 -0.11
N PRO B 189 -4.11 -6.83 1.09
CA PRO B 189 -5.33 -7.46 1.63
C PRO B 189 -6.56 -7.14 0.81
N LEU B 190 -6.39 -6.34 -0.26
CA LEU B 190 -7.48 -6.19 -1.21
C LEU B 190 -7.72 -7.46 -2.01
N LEU B 191 -6.77 -8.40 -1.99
CA LEU B 191 -6.87 -9.63 -2.75
C LEU B 191 -6.94 -10.86 -1.84
N LYS B 192 -7.45 -10.70 -0.62
CA LYS B 192 -7.54 -11.82 0.32
C LYS B 192 -8.72 -12.73 -0.02
N ASN B 194 -9.52 -14.22 -2.82
CA ASN B 194 -8.80 -14.74 -3.97
C ASN B 194 -8.19 -16.11 -3.65
N ILE B 195 -8.31 -17.03 -4.60
CA ILE B 195 -7.91 -18.42 -4.37
C ILE B 195 -6.39 -18.52 -4.22
N ASP B 196 -5.63 -17.71 -4.95
CA ASP B 196 -4.17 -17.77 -4.91
C ASP B 196 -3.57 -16.60 -4.14
N TYR B 197 -4.25 -16.14 -3.09
CA TYR B 197 -3.77 -15.01 -2.30
C TYR B 197 -2.41 -15.32 -1.69
N ASN B 198 -1.44 -14.45 -1.97
CA ASN B 198 -0.06 -14.59 -1.49
C ASN B 198 0.28 -13.34 -0.68
N ASN B 199 0.09 -13.44 0.64
CA ASN B 199 0.40 -12.32 1.53
C ASN B 199 1.88 -12.24 1.90
N GLY B 200 2.71 -13.07 1.29
CA GLY B 200 4.14 -13.03 1.55
C GLY B 200 4.62 -13.84 2.74
N ASP B 201 3.72 -14.53 3.43
CA ASP B 201 4.12 -15.36 4.58
C ASP B 201 4.92 -16.55 4.08
N VAL B 202 6.21 -16.57 4.38
CA VAL B 202 7.08 -17.67 3.93
C VAL B 202 6.93 -18.93 4.77
N THR B 203 6.05 -18.93 5.77
CA THR B 203 5.76 -20.15 6.52
C THR B 203 4.65 -20.96 5.89
N ILE B 204 4.17 -20.56 4.72
CA ILE B 204 3.07 -21.24 4.03
C ILE B 204 3.62 -21.77 2.71
N ALA B 205 3.61 -23.10 2.57
CA ALA B 205 4.27 -23.73 1.43
C ALA B 205 3.72 -23.22 0.10
N SER B 206 2.39 -23.04 0.01
CA SER B 206 1.82 -22.51 -1.21
C SER B 206 2.33 -21.10 -1.51
N ASN B 207 2.58 -20.31 -0.47
CA ASN B 207 3.16 -18.98 -0.68
C ASN B 207 4.58 -19.11 -1.23
N VAL B 208 5.38 -20.00 -0.64
CA VAL B 208 6.78 -20.12 -1.02
C VAL B 208 6.90 -20.55 -2.47
N LYS B 209 6.12 -21.55 -2.88
CA LYS B 209 6.12 -21.97 -4.28
C LYS B 209 5.73 -20.80 -5.18
N ASN B 210 4.72 -20.02 -4.78
CA ASN B 210 4.21 -18.96 -5.64
C ASN B 210 5.20 -17.80 -5.72
N LEU B 211 5.81 -17.44 -4.59
CA LEU B 211 6.84 -16.40 -4.60
C LEU B 211 7.97 -16.78 -5.56
N ALA B 212 8.44 -18.03 -5.48
CA ALA B 212 9.51 -18.48 -6.35
C ALA B 212 9.09 -18.44 -7.81
N LEU B 213 7.86 -18.85 -8.11
CA LEU B 213 7.39 -18.84 -9.49
C LEU B 213 7.38 -17.43 -10.05
N ARG B 214 6.84 -16.47 -9.30
CA ARG B 214 6.78 -15.10 -9.79
C ARG B 214 8.17 -14.50 -9.96
N ALA B 215 9.08 -14.78 -9.04
CA ALA B 215 10.44 -14.23 -9.13
C ALA B 215 11.11 -14.68 -10.41
N THR B 216 11.03 -15.99 -10.72
CA THR B 216 11.64 -16.50 -11.94
C THR B 216 10.89 -16.01 -13.19
N GLN B 217 9.61 -15.70 -13.06
CA GLN B 217 8.88 -15.15 -14.19
C GLN B 217 9.31 -13.72 -14.49
N ARG B 218 9.54 -12.92 -13.45
CA ARG B 218 9.90 -11.52 -13.60
C ARG B 218 11.40 -11.28 -13.67
N LEU B 219 12.21 -12.30 -13.40
CA LEU B 219 13.67 -12.14 -13.36
C LEU B 219 14.27 -13.43 -13.89
N THR B 220 14.95 -13.37 -15.03
CA THR B 220 15.37 -14.62 -15.64
C THR B 220 16.56 -15.24 -14.91
N PRO B 221 17.78 -14.63 -14.91
CA PRO B 221 18.86 -15.27 -14.16
C PRO B 221 19.02 -14.66 -12.77
N ILE B 222 18.25 -15.14 -11.81
CA ILE B 222 18.36 -14.65 -10.44
C ILE B 222 19.75 -15.01 -9.90
N HIS B 223 20.57 -14.00 -9.65
CA HIS B 223 21.95 -14.20 -9.23
C HIS B 223 22.20 -13.96 -7.75
N LEU B 224 21.28 -13.28 -7.07
CA LEU B 224 21.39 -13.03 -5.64
C LEU B 224 20.03 -13.15 -5.01
N TYR B 225 19.90 -14.04 -4.02
CA TYR B 225 18.71 -14.13 -3.20
C TYR B 225 19.09 -13.81 -1.77
N THR B 226 18.43 -12.82 -1.19
CA THR B 226 18.63 -12.45 0.21
C THR B 226 17.32 -12.61 0.96
N ALA B 227 17.45 -12.98 2.24
CA ALA B 227 16.29 -13.20 3.09
C ALA B 227 16.66 -12.82 4.51
N ASP B 228 15.85 -11.95 5.12
CA ASP B 228 16.26 -11.25 6.34
C ASP B 228 15.11 -11.17 7.34
N GLY B 229 14.35 -12.24 7.46
CA GLY B 229 13.16 -12.26 8.28
C GLY B 229 13.38 -12.86 9.66
N GLY B 230 12.57 -12.40 10.61
CA GLY B 230 12.61 -12.92 11.96
C GLY B 230 11.29 -12.64 12.65
N ILE B 231 11.07 -13.34 13.74
CA ILE B 231 9.86 -13.18 14.55
C ILE B 231 10.19 -12.24 15.70
N ASN B 232 9.17 -11.54 16.19
CA ASN B 232 9.33 -10.60 17.30
C ASN B 232 9.63 -11.33 18.59
N ASN B 238 14.96 -16.56 24.31
CA ASN B 238 15.89 -17.67 24.53
C ASN B 238 15.47 -18.88 23.72
N LYS B 239 14.24 -18.85 23.21
CA LYS B 239 13.76 -19.81 22.23
C LYS B 239 13.68 -19.16 20.85
N GLN B 240 14.48 -18.12 20.64
CA GLN B 240 14.42 -17.34 19.39
C GLN B 240 14.68 -18.21 18.17
N GLU B 241 15.67 -19.10 18.25
CA GLU B 241 15.96 -19.97 17.12
C GLU B 241 14.84 -20.97 16.88
N GLU B 242 14.32 -21.60 17.93
CA GLU B 242 13.25 -22.57 17.78
C GLU B 242 11.96 -21.91 17.31
N LEU B 243 11.70 -20.67 17.74
CA LEU B 243 10.49 -19.98 17.32
C LEU B 243 10.56 -19.53 15.86
N ASN B 244 11.75 -19.48 15.27
CA ASN B 244 11.95 -18.99 13.92
C ASN B 244 12.28 -20.09 12.93
N LEU B 245 12.24 -21.36 13.36
CA LEU B 245 12.68 -22.46 12.50
C LEU B 245 11.84 -22.55 11.23
N LYS B 246 10.52 -22.38 11.36
CA LYS B 246 9.65 -22.51 10.19
C LYS B 246 9.83 -21.33 9.24
N LEU B 247 9.92 -20.12 9.77
CA LEU B 247 10.16 -18.95 8.94
C LEU B 247 11.49 -19.08 8.21
N HIS B 248 12.57 -19.36 8.95
CA HIS B 248 13.88 -19.52 8.32
C HIS B 248 13.89 -20.68 7.34
N PHE B 249 13.05 -21.68 7.56
CA PHE B 249 12.96 -22.79 6.62
C PHE B 249 12.26 -22.36 5.33
N GLY B 250 11.11 -21.70 5.45
CA GLY B 250 10.43 -21.20 4.27
C GLY B 250 11.23 -20.13 3.55
N GLN B 251 11.97 -19.33 4.32
CA GLN B 251 12.97 -18.43 3.76
C GLN B 251 13.90 -19.18 2.80
N ALA B 252 14.53 -20.23 3.31
CA ALA B 252 15.54 -20.95 2.54
C ALA B 252 14.91 -21.69 1.35
N LEU B 253 13.70 -22.22 1.54
CA LEU B 253 13.04 -22.94 0.44
C LEU B 253 12.69 -21.99 -0.70
N THR B 254 12.27 -20.76 -0.37
CA THR B 254 11.96 -19.79 -1.42
C THR B 254 13.19 -19.48 -2.27
N GLY B 255 14.33 -19.27 -1.63
CA GLY B 255 15.55 -19.02 -2.39
C GLY B 255 15.97 -20.21 -3.23
N LEU B 256 16.00 -21.40 -2.62
CA LEU B 256 16.43 -22.59 -3.33
C LEU B 256 15.49 -22.96 -4.46
N LEU B 257 14.28 -22.40 -4.48
CA LEU B 257 13.35 -22.61 -5.59
C LEU B 257 13.44 -21.52 -6.66
N SER B 258 14.11 -20.41 -6.37
CA SER B 258 14.21 -19.29 -7.31
C SER B 258 15.63 -19.01 -7.78
N LEU B 259 16.65 -19.35 -6.98
CA LEU B 259 18.01 -18.96 -7.32
C LEU B 259 18.53 -19.81 -8.48
N SER B 260 19.13 -19.15 -9.46
CA SER B 260 19.70 -19.82 -10.61
C SER B 260 21.08 -20.37 -10.28
N LYS B 261 21.52 -21.35 -11.08
CA LYS B 261 22.86 -21.89 -10.92
C LYS B 261 23.89 -20.79 -11.03
N GLY B 262 24.97 -20.92 -10.26
CA GLY B 262 25.93 -19.86 -10.13
C GLY B 262 25.45 -18.64 -9.37
N GLY B 263 24.22 -18.66 -8.86
CA GLY B 263 23.70 -17.59 -8.04
C GLY B 263 24.27 -17.63 -6.64
N ASN B 264 23.83 -16.69 -5.82
CA ASN B 264 24.36 -16.53 -4.48
C ASN B 264 23.23 -16.25 -3.50
N MET B 265 23.49 -16.59 -2.24
CA MET B 265 22.47 -16.69 -1.21
C MET B 265 22.94 -15.99 0.06
N ILE B 266 22.04 -15.22 0.67
CA ILE B 266 22.29 -14.59 1.97
C ILE B 266 21.04 -14.77 2.80
N LEU B 267 21.13 -15.56 3.87
CA LEU B 267 20.01 -15.83 4.74
C LEU B 267 20.33 -15.37 6.16
N LYS B 268 19.37 -14.72 6.80
CA LYS B 268 19.52 -14.34 8.20
C LYS B 268 19.11 -15.50 9.10
N HIS B 269 19.98 -15.86 10.04
CA HIS B 269 19.66 -16.87 11.03
C HIS B 269 19.97 -16.34 12.42
N TYR B 270 19.98 -17.22 13.43
CA TYR B 270 20.31 -16.79 14.78
C TYR B 270 21.39 -17.68 15.39
N THR B 271 21.02 -18.62 16.25
CA THR B 271 22.00 -19.25 17.14
C THR B 271 22.63 -20.54 16.61
N LEU B 272 21.94 -21.26 15.70
CA LEU B 272 22.50 -22.42 15.00
C LEU B 272 22.77 -23.60 15.93
N ASN B 273 21.98 -23.79 16.98
CA ASN B 273 22.21 -24.90 17.89
C ASN B 273 21.19 -26.03 17.77
N HIS B 274 20.07 -25.79 17.12
CA HIS B 274 19.03 -26.81 16.98
C HIS B 274 19.40 -27.80 15.88
N ALA B 275 18.99 -29.05 16.07
CA ALA B 275 19.30 -30.10 15.10
C ALA B 275 18.72 -29.79 13.73
N PHE B 276 17.52 -29.21 13.69
CA PHE B 276 16.92 -28.84 12.41
C PHE B 276 17.75 -27.77 11.71
N THR B 277 18.20 -26.77 12.46
CA THR B 277 19.07 -25.75 11.88
C THR B 277 20.34 -26.36 11.33
N LEU B 278 20.97 -27.24 12.10
CA LEU B 278 22.20 -27.90 11.66
C LEU B 278 21.93 -28.76 10.42
N SER B 279 20.77 -29.40 10.37
CA SER B 279 20.44 -30.21 9.21
C SER B 279 20.22 -29.36 7.96
N LEU B 280 19.62 -28.18 8.14
CA LEU B 280 19.41 -27.27 7.01
C LEU B 280 20.74 -26.82 6.41
N ILE B 281 21.71 -26.50 7.25
CA ILE B 281 23.05 -26.18 6.77
C ILE B 281 23.64 -27.36 6.01
N CYS B 282 23.42 -28.57 6.53
CA CYS B 282 23.86 -29.78 5.82
C CYS B 282 23.22 -29.86 4.44
N VAL B 283 21.95 -29.45 4.33
CA VAL B 283 21.29 -29.43 3.03
C VAL B 283 21.91 -28.36 2.13
N PHE B 284 22.21 -27.18 2.67
CA PHE B 284 22.89 -26.15 1.91
C PHE B 284 24.24 -26.64 1.37
N SER B 285 24.88 -27.59 2.07
CA SER B 285 26.22 -28.04 1.72
C SER B 285 26.30 -28.63 0.32
N HIS B 286 25.17 -29.08 -0.24
CA HIS B 286 25.17 -29.77 -1.52
C HIS B 286 24.88 -28.85 -2.70
N PHE B 287 24.62 -27.57 -2.44
CA PHE B 287 24.11 -26.68 -3.49
C PHE B 287 25.02 -25.51 -3.83
N PHE B 288 26.00 -25.20 -3.00
CA PHE B 288 26.86 -24.05 -3.24
C PHE B 288 28.32 -24.46 -3.23
N GLU B 289 29.10 -23.88 -4.13
CA GLU B 289 30.53 -24.14 -4.18
C GLU B 289 31.20 -23.72 -2.88
N GLU B 290 30.80 -22.57 -2.33
CA GLU B 290 31.27 -22.12 -1.03
C GLU B 290 30.07 -21.82 -0.15
N LEU B 291 30.27 -21.96 1.15
CA LEU B 291 29.19 -21.77 2.12
C LEU B 291 29.79 -21.23 3.41
N TYR B 292 29.30 -20.09 3.86
CA TYR B 292 29.89 -19.40 5.01
C TYR B 292 28.82 -19.12 6.05
N ILE B 293 29.24 -19.10 7.31
CA ILE B 293 28.47 -18.51 8.40
C ILE B 293 29.20 -17.25 8.83
N THR B 294 28.50 -16.11 8.78
CA THR B 294 29.17 -14.82 8.94
C THR B 294 28.44 -13.94 9.95
N LYS B 295 29.12 -12.88 10.32
CA LYS B 295 28.61 -11.90 11.30
C LYS B 295 29.34 -10.60 11.00
N PRO B 296 28.73 -9.70 10.24
CA PRO B 296 29.38 -8.42 9.96
C PRO B 296 29.52 -7.59 11.23
N THR B 297 30.49 -6.68 11.18
CA THR B 297 30.69 -5.78 12.32
C THR B 297 29.46 -4.91 12.57
N SER B 298 28.72 -4.56 11.52
CA SER B 298 27.49 -3.79 11.65
C SER B 298 26.30 -4.65 12.09
N SER B 299 26.47 -5.96 12.16
CA SER B 299 25.50 -6.83 12.81
C SER B 299 25.80 -6.82 14.30
N ARG B 300 24.83 -6.37 15.09
CA ARG B 300 25.03 -6.08 16.50
C ARG B 300 25.67 -7.27 17.21
N PRO B 301 26.86 -7.12 17.79
CA PRO B 301 27.46 -8.24 18.53
C PRO B 301 26.63 -8.68 19.73
N THR B 302 25.73 -7.82 20.22
CA THR B 302 24.94 -8.17 21.38
C THR B 302 23.87 -9.22 21.09
N ASN B 303 23.42 -9.35 19.85
CA ASN B 303 22.41 -10.34 19.50
C ASN B 303 23.03 -11.45 18.64
N SER B 304 22.27 -12.52 18.49
CA SER B 304 22.75 -13.78 17.94
C SER B 304 22.64 -13.87 16.42
N GLU B 305 22.10 -12.84 15.78
CA GLU B 305 21.97 -12.76 14.33
C GLU B 305 23.23 -13.27 13.61
N THR B 306 23.02 -14.18 12.66
CA THR B 306 24.09 -14.63 11.77
C THR B 306 23.56 -14.63 10.34
N TYR B 307 24.48 -14.65 9.38
CA TYR B 307 24.10 -14.63 7.97
C TYR B 307 24.82 -15.78 7.25
N ILE B 308 24.03 -16.74 6.77
CA ILE B 308 24.55 -17.84 5.97
C ILE B 308 24.69 -17.38 4.54
N VAL B 309 25.88 -17.54 3.97
CA VAL B 309 26.20 -17.05 2.63
C VAL B 309 26.68 -18.24 1.80
N GLY B 310 25.88 -18.64 0.83
CA GLY B 310 26.28 -19.63 -0.16
C GLY B 310 26.64 -18.93 -1.47
N LYS B 311 27.77 -19.35 -2.04
CA LYS B 311 28.30 -18.73 -3.24
C LYS B 311 28.35 -19.74 -4.38
N ASN B 312 28.05 -19.27 -5.59
CA ASN B 312 28.12 -20.07 -6.81
C ASN B 312 27.25 -21.32 -6.71
N ARG B 313 25.94 -21.17 -6.86
CA ARG B 313 25.05 -22.32 -6.76
C ARG B 313 25.42 -23.37 -7.80
N LEU B 314 25.58 -24.62 -7.34
CA LEU B 314 26.13 -25.69 -8.16
C LEU B 314 25.09 -26.42 -8.98
N ARG B 315 23.87 -26.57 -8.46
CA ARG B 315 22.83 -27.33 -9.14
C ARG B 315 21.49 -26.97 -8.48
N LEU B 316 20.42 -27.36 -9.15
CA LEU B 316 19.07 -27.06 -8.69
C LEU B 316 18.48 -28.26 -7.97
N PHE B 317 17.27 -28.06 -7.44
CA PHE B 317 16.53 -29.16 -6.83
C PHE B 317 16.23 -30.23 -7.87
N THR B 318 16.39 -31.49 -7.48
CA THR B 318 15.71 -32.54 -8.20
C THR B 318 14.21 -32.43 -7.90
N PRO B 319 13.35 -32.91 -8.79
CA PRO B 319 11.90 -32.87 -8.52
C PRO B 319 11.51 -33.52 -7.20
N LYS B 320 12.23 -34.57 -6.77
CA LYS B 320 11.89 -35.24 -5.53
C LYS B 320 12.30 -34.41 -4.32
N GLU B 321 13.48 -33.77 -4.37
CA GLU B 321 13.92 -32.92 -3.27
C GLU B 321 12.93 -31.79 -3.02
N GLU B 322 12.48 -31.14 -4.10
CA GLU B 322 11.46 -30.11 -3.96
C GLU B 322 10.22 -30.65 -3.27
N GLN B 323 9.78 -31.84 -3.67
CA GLN B 323 8.58 -32.45 -3.10
C GLN B 323 8.72 -32.63 -1.59
N VAL B 324 9.83 -33.25 -1.17
CA VAL B 324 10.05 -33.53 0.25
C VAL B 324 10.07 -32.23 1.06
N LEU B 325 10.93 -31.30 0.65
CA LEU B 325 11.11 -30.07 1.42
C LEU B 325 9.83 -29.25 1.48
N LEU B 326 9.13 -29.13 0.35
CA LEU B 326 7.87 -28.38 0.34
C LEU B 326 6.81 -29.07 1.18
N LYS B 327 6.78 -30.40 1.16
CA LYS B 327 5.83 -31.12 1.99
C LYS B 327 6.11 -30.89 3.47
N ARG B 328 7.39 -30.78 3.85
CA ARG B 328 7.73 -30.50 5.24
C ARG B 328 7.27 -29.11 5.65
N LEU B 329 7.50 -28.10 4.80
CA LEU B 329 7.00 -26.76 5.09
C LEU B 329 5.48 -26.77 5.25
N GLU B 330 4.79 -27.71 4.59
CA GLU B 330 3.34 -27.80 4.69
C GLU B 330 2.90 -28.42 6.01
N PHE B 331 3.61 -29.45 6.47
CA PHE B 331 3.35 -30.11 7.76
C PHE B 331 4.66 -30.07 8.54
N PHE B 332 4.91 -28.95 9.22
CA PHE B 332 6.23 -28.69 9.76
C PHE B 332 6.48 -29.42 11.07
N ASN B 333 7.70 -29.92 11.21
CA ASN B 333 8.23 -30.40 12.47
C ASN B 333 9.74 -30.19 12.44
N ASP B 334 10.37 -30.32 13.61
CA ASP B 334 11.76 -29.92 13.77
C ASP B 334 12.73 -31.09 13.79
N THR B 335 12.31 -32.27 13.33
CA THR B 335 13.25 -33.38 13.17
C THR B 335 14.27 -33.03 12.10
N PRO B 336 15.46 -33.64 12.16
CA PRO B 336 16.50 -33.28 11.19
C PRO B 336 16.09 -33.61 9.76
N LEU B 337 16.51 -32.75 8.83
CA LEU B 337 16.25 -33.00 7.42
C LEU B 337 17.09 -34.15 6.90
N VAL B 338 18.27 -34.38 7.49
CA VAL B 338 19.22 -35.38 7.02
C VAL B 338 19.82 -36.08 8.23
N ASP B 339 20.54 -37.16 7.95
CA ASP B 339 21.29 -37.89 8.98
C ASP B 339 22.54 -37.08 9.30
N LEU B 340 22.56 -36.47 10.49
CA LEU B 340 23.63 -35.54 10.85
C LEU B 340 24.95 -36.24 11.09
N SER B 341 24.95 -37.52 11.44
CA SER B 341 26.21 -38.24 11.65
C SER B 341 27.05 -38.34 10.38
N LEU B 342 26.47 -38.06 9.22
CA LEU B 342 27.21 -38.08 7.96
C LEU B 342 27.90 -36.76 7.65
N TYR B 343 27.80 -35.77 8.54
CA TYR B 343 28.30 -34.42 8.28
C TYR B 343 29.22 -33.95 9.41
N GLN B 344 30.07 -34.84 9.91
CA GLN B 344 30.91 -34.50 11.06
C GLN B 344 31.85 -33.34 10.73
N ASN B 345 32.49 -33.39 9.56
CA ASN B 345 33.36 -32.30 9.15
C ASN B 345 32.61 -30.98 9.18
N LEU B 346 31.45 -30.95 8.53
CA LEU B 346 30.65 -29.73 8.47
C LEU B 346 30.24 -29.27 9.86
N LEU B 347 29.72 -30.20 10.68
CA LEU B 347 29.20 -29.82 11.99
C LEU B 347 30.29 -29.28 12.89
N GLU B 348 31.53 -29.78 12.75
CA GLU B 348 32.64 -29.24 13.52
C GLU B 348 32.97 -27.81 13.09
N SER B 349 32.76 -27.49 11.81
CA SER B 349 32.98 -26.13 11.35
C SER B 349 31.86 -25.20 11.81
N VAL B 350 30.63 -25.71 11.88
CA VAL B 350 29.54 -24.90 12.41
C VAL B 350 29.76 -24.63 13.89
N TYR B 351 30.30 -25.61 14.62
CA TYR B 351 30.54 -25.38 16.04
C TYR B 351 31.60 -24.31 16.26
N PHE B 352 32.64 -24.28 15.41
CA PHE B 352 33.61 -23.20 15.48
C PHE B 352 32.92 -21.85 15.33
N ALA B 353 32.02 -21.73 14.36
CA ALA B 353 31.27 -20.49 14.16
C ALA B 353 30.48 -20.14 15.41
N VAL B 354 29.82 -21.14 16.01
CA VAL B 354 29.07 -20.90 17.24
C VAL B 354 30.00 -20.39 18.34
N GLU B 355 31.13 -21.08 18.53
CA GLU B 355 32.12 -20.64 19.52
C GLU B 355 32.59 -19.22 19.23
N THR B 356 32.87 -18.92 17.96
CA THR B 356 33.42 -17.61 17.61
C THR B 356 32.37 -16.52 17.70
N ILE B 357 31.22 -16.73 17.07
CA ILE B 357 30.23 -15.65 16.97
C ILE B 357 29.45 -15.49 18.27
N HIS B 358 29.10 -16.60 18.92
CA HIS B 358 28.15 -16.56 20.04
C HIS B 358 28.82 -16.81 21.38
N LEU B 359 29.53 -17.94 21.54
CA LEU B 359 30.11 -18.26 22.84
C LEU B 359 31.23 -17.31 23.23
N LYS B 360 31.96 -16.81 22.25
CA LYS B 360 32.91 -15.74 22.52
C LYS B 360 32.21 -14.41 22.32
N GLN B 361 32.21 -13.89 21.09
CA GLN B 361 31.85 -12.51 20.80
C GLN B 361 30.57 -12.07 21.52
N GLN B 362 29.47 -12.81 21.35
CA GLN B 362 28.20 -12.33 21.89
C GLN B 362 28.21 -12.27 23.40
N ILE B 363 28.78 -13.29 24.06
CA ILE B 363 28.82 -13.29 25.52
C ILE B 363 29.64 -12.11 26.04
N GLU B 364 30.77 -11.81 25.40
CA GLU B 364 31.57 -10.65 25.84
C GLU B 364 30.79 -9.36 25.70
N PHE B 365 30.06 -9.19 24.60
CA PHE B 365 29.34 -7.94 24.42
C PHE B 365 28.08 -7.88 25.27
N LEU B 366 27.45 -9.03 25.55
CA LEU B 366 26.39 -9.06 26.54
C LEU B 366 26.93 -8.68 27.91
N ASN B 367 28.04 -9.31 28.32
CA ASN B 367 28.68 -8.94 29.58
C ASN B 367 29.05 -7.46 29.59
N PHE B 368 29.58 -6.96 28.47
CA PHE B 368 29.90 -5.54 28.36
C PHE B 368 28.66 -4.68 28.52
N GLY B 369 27.55 -5.08 27.89
CA GLY B 369 26.33 -4.32 28.01
C GLY B 369 25.76 -4.31 29.42
N MET B 370 25.83 -5.45 30.11
CA MET B 370 25.43 -5.52 31.50
C MET B 370 26.21 -4.52 32.35
N LYS B 371 27.53 -4.49 32.16
CA LYS B 371 28.36 -3.57 32.91
C LYS B 371 28.01 -2.12 32.60
N CYS B 372 27.66 -1.84 31.34
CA CYS B 372 27.25 -0.49 30.97
C CYS B 372 25.95 -0.11 31.66
N TYR B 373 25.00 -1.05 31.73
CA TYR B 373 23.74 -0.75 32.40
C TYR B 373 23.96 -0.44 33.87
N ARG B 374 24.76 -1.26 34.55
CA ARG B 374 24.96 -1.08 35.98
C ARG B 374 25.55 0.29 36.30
N HIS B 375 26.44 0.79 35.44
CA HIS B 375 27.15 2.04 35.70
C HIS B 375 26.50 3.25 35.04
N PHE B 376 25.58 3.06 34.09
CA PHE B 376 25.08 4.21 33.33
C PHE B 376 23.58 4.19 33.07
N TYR B 377 22.81 3.32 33.73
CA TYR B 377 21.37 3.28 33.49
C TYR B 377 20.71 4.60 33.83
N ASN B 378 21.32 5.41 34.71
CA ASN B 378 20.85 6.76 34.99
C ASN B 378 21.80 7.82 34.47
N LYS B 379 22.72 7.43 33.57
CA LYS B 379 23.71 8.34 33.01
C LYS B 379 23.94 8.01 31.54
N ILE B 380 22.86 7.97 30.76
CA ILE B 380 22.97 7.59 29.35
C ILE B 380 23.84 8.58 28.59
N LYS B 381 23.61 9.88 28.80
CA LYS B 381 24.40 10.90 28.11
C LYS B 381 25.88 10.77 28.41
N LEU B 382 26.22 10.46 29.66
CA LEU B 382 27.62 10.30 30.03
C LEU B 382 28.26 9.12 29.32
N LEU B 383 27.54 8.00 29.23
CA LEU B 383 28.10 6.82 28.57
C LEU B 383 28.31 7.06 27.08
N ASN B 384 27.36 7.75 26.43
CA ASN B 384 27.54 8.09 25.03
C ASN B 384 28.68 9.07 24.83
N ASP B 385 28.98 9.88 25.85
CA ASP B 385 30.17 10.74 25.79
C ASP B 385 31.45 9.93 25.88
N TYR B 386 31.46 8.89 26.73
CA TYR B 386 32.65 8.07 26.88
C TYR B 386 32.93 7.25 25.63
N LEU B 387 31.88 6.71 25.01
CA LEU B 387 32.04 5.79 23.88
C LEU B 387 32.27 6.50 22.56
N ALA B 388 31.95 7.80 22.47
CA ALA B 388 32.06 8.54 21.22
C ALA B 388 33.42 8.39 20.55
N PRO B 389 34.55 8.56 21.24
CA PRO B 389 35.84 8.31 20.57
C PRO B 389 35.99 6.89 20.07
N LYS B 390 35.49 5.91 20.82
CA LYS B 390 35.58 4.52 20.38
C LYS B 390 34.69 4.28 19.15
N LYS B 391 33.47 4.84 19.16
CA LYS B 391 32.57 4.68 18.03
C LYS B 391 33.18 5.24 16.74
N LYS B 392 33.88 6.36 16.85
CA LYS B 392 34.49 6.97 15.66
C LYS B 392 35.59 6.08 15.11
N ILE B 393 36.35 5.41 15.97
CA ILE B 393 37.40 4.51 15.50
C ILE B 393 36.80 3.33 14.74
N PHE B 394 35.70 2.78 15.25
CA PHE B 394 35.07 1.63 14.59
C PHE B 394 34.43 2.04 13.27
N GLN B 395 33.90 3.26 13.18
CA GLN B 395 33.27 3.70 11.94
C GLN B 395 34.31 4.08 10.90
N ASP B 396 35.40 4.73 11.31
CA ASP B 396 36.52 4.98 10.41
C ASP B 396 37.01 3.68 9.79
N ARG B 397 37.26 2.67 10.63
CA ARG B 397 37.78 1.41 10.14
C ARG B 397 36.80 0.71 9.21
N TRP B 398 35.51 0.87 9.46
CA TRP B 398 34.47 0.41 8.54
C TRP B 398 34.51 1.17 7.23
N VAL B 400 37.04 2.39 5.19
CA VAL B 400 38.37 1.89 4.88
C VAL B 400 38.27 0.46 4.37
N LEU B 401 37.49 -0.35 5.08
CA LEU B 401 37.26 -1.73 4.67
C LEU B 401 36.09 -1.89 3.71
N ASN B 402 35.23 -0.88 3.60
CA ASN B 402 34.06 -0.91 2.70
C ASN B 402 34.03 0.43 1.98
N LYS B 403 34.73 0.53 0.85
CA LYS B 403 34.79 1.77 0.10
C LYS B 403 33.40 2.23 -0.30
N LEU B 404 33.19 3.55 -0.28
CA LEU B 404 31.89 4.15 -0.54
C LEU B 404 32.04 5.24 -1.58
N TYR B 405 31.20 5.21 -2.61
CA TYR B 405 31.16 6.23 -3.63
C TYR B 405 29.75 6.80 -3.71
N VAL B 406 29.62 7.94 -4.37
CA VAL B 406 28.38 8.72 -4.37
C VAL B 406 27.45 8.18 -5.45
N LEU B 407 26.23 7.84 -5.04
CA LEU B 407 25.23 7.32 -5.97
C LEU B 407 24.60 8.47 -6.74
N GLU B 408 24.57 8.33 -8.07
CA GLU B 408 24.02 9.37 -8.92
C GLU B 408 22.49 9.42 -8.79
N LYS B 409 21.93 10.61 -9.04
CA LYS B 409 20.50 10.81 -8.88
C LYS B 409 19.70 9.92 -9.84
N LYS B 410 20.22 9.71 -11.06
CA LYS B 410 19.50 8.91 -12.03
C LYS B 410 19.43 7.44 -11.64
N HIS B 411 20.26 7.00 -10.70
CA HIS B 411 20.27 5.61 -10.26
C HIS B 411 19.67 5.42 -8.87
N LYS B 412 18.98 6.42 -8.34
CA LYS B 412 18.35 6.29 -7.04
C LYS B 412 17.10 5.43 -7.13
N LEU B 413 16.75 4.81 -6.00
CA LEU B 413 15.50 4.08 -5.90
C LEU B 413 14.34 5.04 -5.75
N LYS B 414 13.21 4.70 -6.36
CA LYS B 414 12.00 5.51 -6.27
C LYS B 414 11.34 5.25 -4.92
N LEU B 415 11.23 6.30 -4.10
CA LEU B 415 10.60 6.22 -2.80
C LEU B 415 9.40 7.14 -2.76
N CYS B 416 8.42 6.78 -1.94
CA CYS B 416 7.20 7.54 -1.79
C CYS B 416 7.11 8.26 -0.45
N ALA B 417 8.12 8.11 0.41
CA ALA B 417 8.17 8.84 1.66
C ALA B 417 9.49 9.59 1.80
N SFG C . -14.71 7.48 -11.45
CA SFG C . -13.54 6.74 -10.92
C SFG C . -13.81 5.23 -11.02
O SFG C . -13.35 4.49 -10.14
OXT SFG C . -14.47 4.85 -11.97
CB SFG C . -13.25 7.16 -9.47
CG SFG C . -12.60 8.50 -9.28
CD SFG C . -12.29 8.80 -7.81
NE SFG C . -13.54 9.25 -7.13
C5' SFG C . -11.25 9.90 -7.70
C4' SFG C . -10.40 10.10 -8.91
O4' SFG C . -10.06 11.50 -8.97
C3' SFG C . -9.09 9.32 -8.89
O3' SFG C . -8.81 8.76 -10.17
C2' SFG C . -8.07 10.39 -8.52
O2' SFG C . -6.77 10.12 -9.00
C1' SFG C . -8.67 11.60 -9.20
N9 SFG C . -8.20 12.87 -8.66
C8 SFG C . -7.98 13.20 -7.35
N7 SFG C . -7.53 14.41 -7.19
C5 SFG C . -7.44 14.92 -8.48
C6 SFG C . -7.03 16.16 -8.99
N6 SFG C . -6.61 17.17 -8.23
N1 SFG C . -7.08 16.33 -10.33
C2 SFG C . -7.51 15.32 -11.08
N3 SFG C . -7.90 14.11 -10.73
C4 SFG C . -7.85 13.98 -9.39
N SFG D . 15.74 -6.86 5.30
CA SFG D . 14.90 -5.69 5.68
C SFG D . 15.69 -4.40 5.40
O SFG D . 16.67 -4.51 4.63
OXT SFG D . 15.30 -3.36 5.94
CB SFG D . 14.48 -5.80 7.15
CG SFG D . 13.73 -7.08 7.47
CD SFG D . 13.37 -7.28 8.94
NE SFG D . 14.51 -7.97 9.63
C5' SFG D . 12.10 -8.10 9.11
C4' SFG D . 11.35 -8.44 7.83
O4' SFG D . 10.86 -9.80 7.88
C3' SFG D . 10.14 -7.55 7.56
O3' SFG D . 10.21 -7.00 6.25
C2' SFG D . 8.95 -8.50 7.72
O2' SFG D . 7.85 -8.20 6.89
C1' SFG D . 9.58 -9.82 7.30
N9 SFG D . 8.85 -10.98 7.78
C8 SFG D . 8.59 -11.32 9.08
N7 SFG D . 7.88 -12.42 9.19
C5 SFG D . 7.68 -12.85 7.89
C6 SFG D . 7.01 -13.96 7.34
N6 SFG D . 6.41 -14.89 8.07
N1 SFG D . 7.00 -14.08 6.00
C2 SFG D . 7.62 -13.14 5.28
N3 SFG D . 8.27 -12.05 5.67
C4 SFG D . 8.27 -11.97 7.01
#